data_2BES
#
_entry.id   2BES
#
_cell.length_a   136.479
_cell.length_b   102.855
_cell.length_c   69.545
_cell.angle_alpha   90.00
_cell.angle_beta   95.37
_cell.angle_gamma   90.00
#
_symmetry.space_group_name_H-M   'C 1 2 1'
#
loop_
_entity.id
_entity.type
_entity.pdbx_description
1 polymer 'CARBOHYDRATE-PHOSPHATE ISOMERASE'
2 non-polymer '4-PHOSPHO-D-ERYTHRONOHYDROXAMIC ACID'
3 water water
#
_entity_poly.entity_id   1
_entity_poly.type   'polypeptide(L)'
_entity_poly.pdbx_seq_one_letter_code
;MAHHHHHHSGMSGMRVYLGADHAGYELKQRIIEHLKQTGHEPIDCGALRYDADDDYPAFCIAAATRTVADPGSLGIVLGG
SGNGEQIAANKVPGARCALAWSVQTAALAREHNNAQLIGIGGRMHTVAEALAIVDAFVTTPWSKAQRHQRRIDILAEYER
THEAPPVPGAPA
;
_entity_poly.pdbx_strand_id   A,B,C,D,E
#
# COMPACT_ATOMS: atom_id res chain seq x y z
N GLY A 13 6.70 -38.50 4.59
CA GLY A 13 6.25 -37.42 5.43
C GLY A 13 5.88 -37.93 6.83
N MET A 14 6.80 -37.77 7.77
CA MET A 14 6.59 -38.16 9.17
C MET A 14 6.37 -36.94 10.06
N ARG A 15 7.32 -36.01 10.04
CA ARG A 15 7.17 -34.74 10.75
C ARG A 15 6.28 -33.85 9.88
N VAL A 16 5.26 -33.23 10.48
CA VAL A 16 4.28 -32.43 9.75
C VAL A 16 4.02 -31.11 10.47
N TYR A 17 4.42 -29.99 9.85
CA TYR A 17 4.26 -28.67 10.45
C TYR A 17 2.89 -28.09 10.14
N LEU A 18 2.13 -27.74 11.18
CA LEU A 18 0.79 -27.19 11.03
C LEU A 18 0.66 -25.75 11.50
N GLY A 19 0.16 -24.90 10.62
CA GLY A 19 -0.08 -23.50 10.90
C GLY A 19 -1.57 -23.25 10.67
N ALA A 20 -2.13 -22.27 11.37
CA ALA A 20 -3.52 -21.95 11.22
C ALA A 20 -3.95 -20.69 12.00
N ASP A 21 -4.99 -20.02 11.49
CA ASP A 21 -5.54 -18.87 12.20
C ASP A 21 -6.74 -19.40 12.97
N HIS A 22 -7.52 -18.49 13.56
CA HIS A 22 -8.70 -18.83 14.35
C HIS A 22 -9.76 -19.63 13.60
N ALA A 23 -9.91 -19.36 12.30
CA ALA A 23 -10.93 -20.01 11.48
C ALA A 23 -10.61 -21.48 11.19
N GLY A 24 -9.33 -21.84 11.29
CA GLY A 24 -8.90 -23.22 11.14
C GLY A 24 -8.28 -23.80 12.39
N TYR A 25 -8.44 -23.12 13.54
CA TYR A 25 -7.78 -23.53 14.77
C TYR A 25 -8.29 -24.85 15.35
N GLU A 26 -9.61 -24.98 15.42
CA GLU A 26 -10.24 -26.17 16.01
C GLU A 26 -9.97 -27.41 15.17
N LEU A 27 -9.96 -27.25 13.85
CA LEU A 27 -9.66 -28.35 12.95
C LEU A 27 -8.19 -28.73 13.02
N LYS A 28 -7.32 -27.75 13.27
CA LYS A 28 -5.89 -28.00 13.40
C LYS A 28 -5.57 -28.87 14.61
N GLN A 29 -6.29 -28.66 15.71
CA GLN A 29 -6.08 -29.44 16.94
C GLN A 29 -6.55 -30.89 16.73
N ARG A 30 -7.61 -31.06 15.93
CA ARG A 30 -8.14 -32.38 15.64
C ARG A 30 -7.19 -33.15 14.69
N ILE A 31 -6.53 -32.43 13.79
CA ILE A 31 -5.60 -33.03 12.85
C ILE A 31 -4.30 -33.45 13.56
N ILE A 32 -3.91 -32.68 14.57
CA ILE A 32 -2.72 -32.99 15.37
C ILE A 32 -2.93 -34.30 16.14
N GLU A 33 -4.12 -34.47 16.70
CA GLU A 33 -4.47 -35.68 17.44
C GLU A 33 -4.55 -36.89 16.50
N HIS A 34 -5.12 -36.68 15.32
CA HIS A 34 -5.26 -37.74 14.32
C HIS A 34 -3.90 -38.19 13.78
N LEU A 35 -2.96 -37.25 13.69
CA LEU A 35 -1.63 -37.53 13.15
C LEU A 35 -0.78 -38.28 14.18
N LYS A 36 -1.04 -38.03 15.45
CA LYS A 36 -0.33 -38.74 16.53
C LYS A 36 -0.80 -40.19 16.57
N GLN A 37 -2.08 -40.41 16.27
CA GLN A 37 -2.68 -41.75 16.30
C GLN A 37 -2.28 -42.61 15.08
N THR A 38 -1.81 -41.96 14.01
CA THR A 38 -1.40 -42.68 12.80
C THR A 38 0.13 -42.73 12.62
N GLY A 39 0.87 -42.46 13.70
CA GLY A 39 2.32 -42.66 13.73
C GLY A 39 3.16 -41.52 13.20
N HIS A 40 2.58 -40.31 13.16
CA HIS A 40 3.28 -39.11 12.70
C HIS A 40 3.63 -38.20 13.88
N GLU A 41 4.54 -37.26 13.64
CA GLU A 41 4.97 -36.29 14.64
C GLU A 41 4.55 -34.87 14.24
N PRO A 42 3.33 -34.47 14.60
CA PRO A 42 2.87 -33.10 14.29
C PRO A 42 3.58 -32.04 15.15
N ILE A 43 3.89 -30.90 14.53
CA ILE A 43 4.57 -29.80 15.21
C ILE A 43 3.74 -28.53 15.03
N ASP A 44 3.29 -27.97 16.16
CA ASP A 44 2.38 -26.82 16.13
C ASP A 44 3.14 -25.49 16.01
N CYS A 45 3.03 -24.86 14.84
CA CYS A 45 3.62 -23.55 14.59
C CYS A 45 2.75 -22.39 15.10
N GLY A 46 1.50 -22.69 15.46
CA GLY A 46 0.55 -21.69 15.94
C GLY A 46 -0.66 -21.62 15.01
N ALA A 47 -1.78 -21.05 15.46
CA ALA A 47 -1.91 -20.42 16.77
C ALA A 47 -2.12 -21.48 17.85
N LEU A 48 -1.51 -21.26 19.01
CA LEU A 48 -1.57 -22.21 20.12
C LEU A 48 -2.86 -22.08 20.92
N ARG A 49 -3.50 -20.91 20.81
CA ARG A 49 -4.84 -20.69 21.39
C ARG A 49 -5.78 -20.07 20.36
N TYR A 50 -7.08 -20.10 20.67
CA TYR A 50 -8.08 -19.46 19.83
C TYR A 50 -8.08 -17.96 20.08
N ASP A 51 -7.81 -17.18 19.02
CA ASP A 51 -7.88 -15.73 19.06
C ASP A 51 -8.67 -15.29 17.83
N ALA A 52 -9.88 -14.79 18.05
CA ALA A 52 -10.83 -14.51 16.97
C ALA A 52 -10.34 -13.49 15.94
N ASP A 53 -9.40 -12.64 16.33
CA ASP A 53 -8.92 -11.54 15.49
C ASP A 53 -7.53 -11.76 14.88
N ASP A 54 -6.89 -12.88 15.22
CA ASP A 54 -5.50 -13.14 14.72
C ASP A 54 -5.43 -13.31 13.21
N ASP A 55 -4.23 -13.02 12.71
CA ASP A 55 -3.96 -13.00 11.27
C ASP A 55 -3.17 -14.24 10.78
N TYR A 56 -3.64 -14.80 9.66
CA TYR A 56 -3.10 -16.04 9.16
C TYR A 56 -1.67 -16.01 8.59
N PRO A 57 -1.26 -14.93 7.91
CA PRO A 57 0.02 -14.94 7.19
C PRO A 57 1.21 -15.46 7.99
N ALA A 58 1.36 -15.03 9.25
CA ALA A 58 2.54 -15.36 10.04
C ALA A 58 2.63 -16.85 10.35
N PHE A 59 1.50 -17.47 10.66
CA PHE A 59 1.44 -18.89 10.98
C PHE A 59 1.71 -19.77 9.75
N CYS A 60 1.30 -19.29 8.59
CA CYS A 60 1.43 -20.04 7.34
C CYS A 60 2.83 -19.90 6.76
N ILE A 61 3.42 -18.71 6.90
CA ILE A 61 4.79 -18.46 6.47
C ILE A 61 5.76 -19.25 7.36
N ALA A 62 5.40 -19.42 8.63
CA ALA A 62 6.23 -20.17 9.58
C ALA A 62 6.19 -21.66 9.30
N ALA A 63 5.01 -22.17 8.95
CA ALA A 63 4.83 -23.59 8.64
C ALA A 63 5.52 -23.96 7.32
N ALA A 64 5.45 -23.06 6.34
CA ALA A 64 6.03 -23.28 5.02
C ALA A 64 7.56 -23.17 5.05
N THR A 65 8.08 -22.23 5.85
CA THR A 65 9.52 -22.04 6.00
C THR A 65 10.16 -23.27 6.65
N ARG A 66 9.54 -23.74 7.73
CA ARG A 66 10.06 -24.88 8.50
C ARG A 66 9.94 -26.20 7.73
N THR A 67 8.92 -26.33 6.89
CA THR A 67 8.72 -27.52 6.08
C THR A 67 9.77 -27.63 4.97
N VAL A 68 10.05 -26.51 4.31
CA VAL A 68 11.02 -26.47 3.22
C VAL A 68 12.45 -26.66 3.75
N ALA A 69 12.70 -26.20 4.97
CA ALA A 69 14.02 -26.30 5.61
C ALA A 69 14.25 -27.66 6.28
N ASP A 70 13.25 -28.54 6.20
CA ASP A 70 13.29 -29.85 6.85
C ASP A 70 13.01 -30.94 5.80
N PRO A 71 14.06 -31.53 5.23
CA PRO A 71 13.91 -32.57 4.20
C PRO A 71 13.11 -33.78 4.67
N GLY A 72 12.12 -34.20 3.88
CA GLY A 72 11.29 -35.33 4.20
C GLY A 72 10.00 -34.99 4.93
N SER A 73 9.90 -33.76 5.43
CA SER A 73 8.71 -33.30 6.16
C SER A 73 7.63 -32.79 5.22
N LEU A 74 6.41 -32.72 5.73
CA LEU A 74 5.29 -32.09 5.03
C LEU A 74 4.69 -31.01 5.93
N GLY A 75 3.64 -30.36 5.46
CA GLY A 75 3.00 -29.29 6.20
C GLY A 75 1.55 -29.08 5.80
N ILE A 76 0.75 -28.56 6.75
CA ILE A 76 -0.66 -28.29 6.50
C ILE A 76 -1.04 -26.94 7.13
N VAL A 77 -1.54 -26.02 6.31
CA VAL A 77 -2.02 -24.73 6.80
C VAL A 77 -3.56 -24.70 6.72
N LEU A 78 -4.19 -24.23 7.80
CA LEU A 78 -5.66 -24.21 7.87
C LEU A 78 -6.25 -22.83 8.07
N GLY A 79 -7.39 -22.59 7.46
CA GLY A 79 -8.09 -21.31 7.55
C GLY A 79 -9.57 -21.58 7.29
N GLY A 80 -10.31 -20.53 6.95
CA GLY A 80 -11.73 -20.65 6.66
C GLY A 80 -11.91 -21.42 5.37
N SER A 81 -11.24 -20.95 4.32
CA SER A 81 -11.26 -21.59 2.99
C SER A 81 -9.93 -22.25 2.66
N GLY A 82 -8.88 -21.86 3.40
CA GLY A 82 -7.51 -22.30 3.23
C GLY A 82 -6.80 -21.66 2.02
N ASN A 83 -7.45 -20.67 1.40
CA ASN A 83 -6.90 -20.06 0.18
C ASN A 83 -5.92 -18.93 0.44
N GLY A 84 -6.20 -18.13 1.44
CA GLY A 84 -5.24 -17.09 1.79
C GLY A 84 -4.06 -17.74 2.50
N GLU A 85 -4.28 -18.95 3.03
CA GLU A 85 -3.25 -19.67 3.78
C GLU A 85 -2.25 -20.30 2.82
N GLN A 86 -2.73 -20.89 1.72
CA GLN A 86 -1.85 -21.48 0.72
C GLN A 86 -1.11 -20.38 -0.04
N ILE A 87 -1.77 -19.23 -0.23
CA ILE A 87 -1.15 -18.09 -0.91
C ILE A 87 0.05 -17.58 -0.12
N ALA A 88 -0.11 -17.48 1.19
CA ALA A 88 0.96 -17.03 2.08
C ALA A 88 2.12 -18.03 2.11
N ALA A 89 1.79 -19.32 2.11
CA ALA A 89 2.79 -20.39 2.11
C ALA A 89 3.58 -20.40 0.80
N ASN A 90 2.91 -20.04 -0.30
CA ASN A 90 3.52 -20.07 -1.63
C ASN A 90 4.47 -18.89 -1.87
N LYS A 91 4.39 -17.85 -1.04
CA LYS A 91 5.35 -16.75 -1.08
C LYS A 91 6.71 -17.13 -0.51
N VAL A 92 6.76 -18.19 0.31
CA VAL A 92 8.01 -18.69 0.86
C VAL A 92 8.83 -19.34 -0.27
N PRO A 93 10.11 -18.96 -0.41
CA PRO A 93 10.98 -19.58 -1.42
C PRO A 93 11.12 -21.10 -1.25
N GLY A 94 10.94 -21.84 -2.33
CA GLY A 94 11.04 -23.30 -2.32
C GLY A 94 9.74 -24.03 -2.03
N ALA A 95 8.74 -23.31 -1.50
CA ALA A 95 7.49 -23.92 -1.07
C ALA A 95 6.52 -24.10 -2.24
N ARG A 96 5.77 -25.18 -2.19
CA ARG A 96 4.73 -25.49 -3.17
C ARG A 96 3.53 -25.97 -2.35
N CYS A 97 2.52 -25.10 -2.22
CA CYS A 97 1.34 -25.39 -1.42
C CYS A 97 0.09 -25.44 -2.25
N ALA A 98 -0.48 -26.64 -2.36
CA ALA A 98 -1.71 -26.86 -3.09
C ALA A 98 -2.85 -26.61 -2.14
N LEU A 99 -4.03 -26.38 -2.72
CA LEU A 99 -5.26 -26.28 -1.94
C LEU A 99 -5.94 -27.66 -2.11
N ALA A 100 -5.98 -28.44 -1.03
CA ALA A 100 -6.64 -29.74 -1.04
C ALA A 100 -8.07 -29.63 -0.52
N TRP A 101 -9.04 -29.92 -1.39
CA TRP A 101 -10.46 -29.93 -1.03
C TRP A 101 -11.10 -31.30 -1.24
N SER A 102 -10.27 -32.31 -1.51
CA SER A 102 -10.74 -33.68 -1.71
C SER A 102 -9.57 -34.67 -1.61
N VAL A 103 -9.90 -35.95 -1.53
CA VAL A 103 -8.88 -37.00 -1.51
C VAL A 103 -8.08 -36.98 -2.81
N GLN A 104 -8.76 -36.76 -3.93
CA GLN A 104 -8.12 -36.73 -5.23
C GLN A 104 -7.09 -35.61 -5.35
N THR A 105 -7.44 -34.41 -4.89
CA THR A 105 -6.55 -33.25 -5.04
C THR A 105 -5.39 -33.26 -4.05
N ALA A 106 -5.59 -33.91 -2.90
CA ALA A 106 -4.52 -34.08 -1.92
C ALA A 106 -3.48 -35.07 -2.45
N ALA A 107 -3.97 -36.14 -3.08
CA ALA A 107 -3.10 -37.17 -3.66
C ALA A 107 -2.36 -36.64 -4.88
N LEU A 108 -3.03 -35.86 -5.71
CA LEU A 108 -2.44 -35.30 -6.93
C LEU A 108 -1.43 -34.21 -6.59
N ALA A 109 -1.64 -33.52 -5.46
CA ALA A 109 -0.69 -32.51 -5.00
C ALA A 109 0.68 -33.15 -4.79
N ARG A 110 0.70 -34.31 -4.15
CA ARG A 110 1.94 -35.05 -3.95
C ARG A 110 2.47 -35.65 -5.25
N GLU A 111 1.60 -36.34 -5.99
CA GLU A 111 1.99 -37.12 -7.16
C GLU A 111 2.53 -36.25 -8.30
N HIS A 112 1.80 -35.19 -8.62
CA HIS A 112 2.13 -34.32 -9.75
C HIS A 112 2.95 -33.10 -9.36
N ASN A 113 2.55 -32.41 -8.30
CA ASN A 113 3.16 -31.12 -7.93
C ASN A 113 4.30 -31.20 -6.90
N ASN A 114 4.50 -32.39 -6.32
CA ASN A 114 5.45 -32.56 -5.20
C ASN A 114 5.25 -31.51 -4.10
N ALA A 115 4.00 -31.19 -3.82
CA ALA A 115 3.65 -30.19 -2.82
C ALA A 115 4.03 -30.65 -1.42
N GLN A 116 4.92 -29.90 -0.78
CA GLN A 116 5.31 -30.19 0.60
C GLN A 116 4.21 -29.78 1.57
N LEU A 117 3.32 -28.89 1.11
CA LEU A 117 2.23 -28.43 1.97
C LEU A 117 0.87 -28.41 1.25
N ILE A 118 -0.22 -28.44 2.03
CA ILE A 118 -1.57 -28.29 1.50
C ILE A 118 -2.32 -27.33 2.42
N GLY A 119 -3.23 -26.55 1.84
CA GLY A 119 -4.17 -25.75 2.60
C GLY A 119 -5.50 -26.47 2.66
N ILE A 120 -6.21 -26.33 3.77
CA ILE A 120 -7.54 -26.92 3.94
C ILE A 120 -8.47 -25.88 4.58
N GLY A 121 -9.69 -25.78 4.07
CA GLY A 121 -10.69 -24.90 4.64
C GLY A 121 -11.52 -25.63 5.67
N GLY A 122 -11.40 -25.24 6.93
CA GLY A 122 -12.17 -25.82 8.02
C GLY A 122 -13.67 -25.61 7.94
N ARG A 123 -14.10 -24.57 7.24
CA ARG A 123 -15.53 -24.28 7.06
C ARG A 123 -16.14 -25.04 5.87
N MET A 124 -15.29 -25.63 5.03
CA MET A 124 -15.74 -26.32 3.82
C MET A 124 -16.00 -27.82 3.96
N HIS A 125 -15.44 -28.44 4.99
CA HIS A 125 -15.62 -29.86 5.18
C HIS A 125 -16.02 -30.25 6.59
N THR A 126 -16.53 -31.50 6.74
CA THR A 126 -16.83 -32.06 8.05
C THR A 126 -15.47 -32.51 8.58
N VAL A 127 -15.43 -32.92 9.85
CA VAL A 127 -14.17 -33.39 10.44
C VAL A 127 -13.69 -34.65 9.72
N ALA A 128 -14.61 -35.58 9.45
CA ALA A 128 -14.27 -36.85 8.79
C ALA A 128 -13.72 -36.64 7.38
N GLU A 129 -14.28 -35.68 6.66
CA GLU A 129 -13.85 -35.38 5.29
C GLU A 129 -12.46 -34.76 5.28
N ALA A 130 -12.16 -33.95 6.29
CA ALA A 130 -10.87 -33.26 6.38
C ALA A 130 -9.74 -34.23 6.76
N LEU A 131 -10.04 -35.20 7.62
CA LEU A 131 -9.06 -36.20 8.03
C LEU A 131 -8.72 -37.17 6.92
N ALA A 132 -9.68 -37.43 6.02
CA ALA A 132 -9.45 -38.27 4.85
C ALA A 132 -8.54 -37.56 3.84
N ILE A 133 -8.69 -36.25 3.74
CA ILE A 133 -7.82 -35.42 2.90
C ILE A 133 -6.39 -35.46 3.45
N VAL A 134 -6.26 -35.37 4.76
CA VAL A 134 -4.96 -35.42 5.43
C VAL A 134 -4.29 -36.78 5.24
N ASP A 135 -5.07 -37.86 5.25
CA ASP A 135 -4.55 -39.21 5.08
C ASP A 135 -3.97 -39.41 3.68
N ALA A 136 -4.67 -38.89 2.68
CA ALA A 136 -4.22 -38.99 1.29
C ALA A 136 -2.96 -38.17 1.07
N PHE A 137 -2.84 -37.05 1.78
CA PHE A 137 -1.70 -36.15 1.64
C PHE A 137 -0.41 -36.78 2.16
N VAL A 138 -0.47 -37.38 3.34
CA VAL A 138 0.71 -37.93 4.00
C VAL A 138 1.14 -39.33 3.50
N THR A 139 0.24 -40.04 2.82
CA THR A 139 0.52 -41.40 2.35
C THR A 139 0.84 -41.49 0.86
N THR A 140 0.37 -40.53 0.07
CA THR A 140 0.61 -40.54 -1.38
C THR A 140 2.04 -40.10 -1.69
N PRO A 141 2.82 -40.96 -2.34
CA PRO A 141 4.21 -40.62 -2.66
C PRO A 141 4.36 -39.67 -3.85
N TRP A 142 5.45 -38.91 -3.84
CA TRP A 142 5.88 -38.10 -4.98
C TRP A 142 6.33 -39.03 -6.09
N SER A 143 5.77 -38.85 -7.28
CA SER A 143 5.96 -39.79 -8.39
C SER A 143 7.38 -39.80 -8.97
N LYS A 144 8.06 -38.66 -8.91
CA LYS A 144 9.39 -38.48 -9.49
C LYS A 144 9.41 -38.63 -11.02
N ALA A 145 8.26 -38.48 -11.66
CA ALA A 145 8.14 -38.60 -13.13
C ALA A 145 8.82 -37.44 -13.80
N GLN A 146 9.31 -37.67 -15.01
CA GLN A 146 10.10 -36.66 -15.74
C GLN A 146 9.39 -35.32 -15.99
N ARG A 147 8.16 -35.38 -16.52
CA ARG A 147 7.42 -34.18 -16.89
C ARG A 147 7.04 -33.33 -15.67
N HIS A 148 6.72 -33.99 -14.57
CA HIS A 148 6.37 -33.30 -13.32
C HIS A 148 7.58 -32.60 -12.71
N GLN A 149 8.72 -33.29 -12.72
CA GLN A 149 9.97 -32.74 -12.22
C GLN A 149 10.44 -31.55 -13.06
N ARG A 150 10.22 -31.65 -14.37
CA ARG A 150 10.59 -30.60 -15.31
C ARG A 150 9.81 -29.31 -15.03
N ARG A 151 8.53 -29.45 -14.70
CA ARG A 151 7.66 -28.31 -14.42
C ARG A 151 8.01 -27.65 -13.10
N ILE A 152 8.41 -28.45 -12.12
CA ILE A 152 8.84 -27.96 -10.82
C ILE A 152 10.17 -27.22 -10.95
N ASP A 153 11.01 -27.67 -11.88
CA ASP A 153 12.32 -27.06 -12.12
C ASP A 153 12.17 -25.71 -12.83
N ILE A 154 11.20 -25.59 -13.72
CA ILE A 154 10.94 -24.33 -14.42
C ILE A 154 10.43 -23.29 -13.43
N LEU A 155 9.60 -23.73 -12.49
CA LEU A 155 9.05 -22.87 -11.46
C LEU A 155 10.13 -22.39 -10.49
N ALA A 156 11.03 -23.30 -10.12
CA ALA A 156 12.12 -22.98 -9.19
C ALA A 156 13.14 -22.04 -9.80
N GLU A 157 13.32 -22.15 -11.12
CA GLU A 157 14.21 -21.26 -11.87
C GLU A 157 13.61 -19.86 -11.95
N TYR A 158 12.28 -19.77 -12.03
CA TYR A 158 11.59 -18.48 -12.02
C TYR A 158 11.69 -17.81 -10.64
N GLU A 159 11.69 -18.61 -9.58
CA GLU A 159 11.80 -18.09 -8.21
C GLU A 159 13.17 -17.45 -7.98
N ARG A 160 14.19 -18.01 -8.63
CA ARG A 160 15.57 -17.58 -8.45
C ARG A 160 15.89 -16.28 -9.20
N THR A 161 15.38 -16.16 -10.43
CA THR A 161 15.75 -15.07 -11.34
C THR A 161 14.66 -14.02 -11.54
N HIS A 162 13.41 -14.41 -11.31
CA HIS A 162 12.22 -13.60 -11.65
C HIS A 162 12.15 -13.25 -13.14
N GLU A 163 12.76 -14.09 -13.97
CA GLU A 163 12.68 -13.95 -15.42
C GLU A 163 11.58 -14.87 -15.91
N ALA A 164 10.47 -14.29 -16.34
CA ALA A 164 9.35 -15.07 -16.84
C ALA A 164 9.80 -15.89 -18.04
N PRO A 165 9.62 -17.22 -17.99
CA PRO A 165 10.06 -18.07 -19.09
C PRO A 165 9.21 -17.85 -20.34
N PRO A 166 9.80 -17.90 -21.53
CA PRO A 166 9.06 -17.64 -22.77
C PRO A 166 7.85 -18.55 -22.96
N VAL A 167 6.75 -17.99 -23.47
CA VAL A 167 5.55 -18.76 -23.76
C VAL A 167 5.72 -19.48 -25.08
N PRO A 168 5.40 -20.78 -25.13
CA PRO A 168 5.44 -21.53 -26.39
C PRO A 168 4.40 -20.93 -27.33
N GLY A 169 4.86 -20.41 -28.46
CA GLY A 169 3.98 -19.80 -29.42
C GLY A 169 4.00 -18.28 -29.30
N SER B 12 -18.42 -2.79 -14.49
CA SER B 12 -19.03 -4.12 -14.48
C SER B 12 -18.23 -5.12 -15.32
N GLY B 13 -17.90 -4.72 -16.55
CA GLY B 13 -17.12 -5.57 -17.46
C GLY B 13 -15.66 -5.61 -16.99
N MET B 14 -15.14 -6.82 -16.80
CA MET B 14 -13.78 -7.01 -16.32
C MET B 14 -12.84 -7.54 -17.39
N ARG B 15 -11.59 -7.09 -17.36
CA ARG B 15 -10.53 -7.67 -18.18
C ARG B 15 -9.98 -8.88 -17.46
N VAL B 16 -9.76 -9.98 -18.19
CA VAL B 16 -9.32 -11.24 -17.61
C VAL B 16 -8.23 -11.89 -18.45
N TYR B 17 -7.04 -12.03 -17.89
CA TYR B 17 -5.93 -12.74 -18.53
C TYR B 17 -6.00 -14.23 -18.17
N LEU B 18 -6.09 -15.09 -19.19
CA LEU B 18 -6.19 -16.53 -18.96
C LEU B 18 -4.96 -17.28 -19.40
N GLY B 19 -4.54 -18.25 -18.60
CA GLY B 19 -3.40 -19.09 -18.90
C GLY B 19 -3.80 -20.54 -18.68
N ALA B 20 -3.23 -21.48 -19.43
CA ALA B 20 -3.54 -22.88 -19.24
C ALA B 20 -2.61 -23.84 -19.98
N ASP B 21 -2.45 -25.05 -19.44
CA ASP B 21 -1.68 -26.07 -20.13
C ASP B 21 -2.70 -26.95 -20.86
N HIS B 22 -2.27 -28.10 -21.35
CA HIS B 22 -3.11 -29.01 -22.13
C HIS B 22 -4.31 -29.53 -21.36
N ALA B 23 -4.14 -29.77 -20.07
CA ALA B 23 -5.20 -30.33 -19.22
C ALA B 23 -6.34 -29.34 -18.98
N GLY B 24 -6.04 -28.05 -19.07
CA GLY B 24 -7.04 -27.01 -18.91
C GLY B 24 -7.30 -26.21 -20.18
N TYR B 25 -6.83 -26.72 -21.31
CA TYR B 25 -6.92 -25.98 -22.59
C TYR B 25 -8.36 -25.88 -23.09
N GLU B 26 -9.07 -27.00 -23.14
CA GLU B 26 -10.42 -27.04 -23.68
C GLU B 26 -11.37 -26.17 -22.85
N LEU B 27 -11.23 -26.23 -21.53
CA LEU B 27 -12.06 -25.43 -20.63
C LEU B 27 -11.74 -23.94 -20.74
N LYS B 28 -10.49 -23.62 -21.03
CA LYS B 28 -10.07 -22.22 -21.20
C LYS B 28 -10.75 -21.58 -22.42
N GLN B 29 -10.89 -22.33 -23.50
CA GLN B 29 -11.53 -21.82 -24.71
C GLN B 29 -13.02 -21.58 -24.49
N ARG B 30 -13.64 -22.43 -23.67
CA ARG B 30 -15.05 -22.29 -23.34
C ARG B 30 -15.28 -21.11 -22.39
N ILE B 31 -14.30 -20.82 -21.55
CA ILE B 31 -14.38 -19.72 -20.59
C ILE B 31 -14.19 -18.38 -21.32
N ILE B 32 -13.33 -18.37 -22.33
CA ILE B 32 -13.11 -17.17 -23.14
C ILE B 32 -14.39 -16.83 -23.88
N GLU B 33 -15.06 -17.85 -24.41
CA GLU B 33 -16.33 -17.68 -25.12
C GLU B 33 -17.43 -17.19 -24.18
N HIS B 34 -17.44 -17.71 -22.96
CA HIS B 34 -18.45 -17.36 -21.96
C HIS B 34 -18.26 -15.92 -21.47
N LEU B 35 -17.01 -15.50 -21.36
CA LEU B 35 -16.68 -14.16 -20.85
C LEU B 35 -17.01 -13.09 -21.89
N LYS B 36 -16.82 -13.41 -23.17
CA LYS B 36 -17.16 -12.49 -24.26
C LYS B 36 -18.68 -12.28 -24.29
N GLN B 37 -19.43 -13.35 -24.08
CA GLN B 37 -20.88 -13.33 -24.15
C GLN B 37 -21.54 -12.67 -22.92
N THR B 38 -20.79 -12.52 -21.83
CA THR B 38 -21.30 -11.91 -20.61
C THR B 38 -20.71 -10.51 -20.34
N GLY B 39 -20.15 -9.89 -21.37
CA GLY B 39 -19.72 -8.50 -21.30
C GLY B 39 -18.30 -8.23 -20.81
N HIS B 40 -17.52 -9.28 -20.64
CA HIS B 40 -16.13 -9.17 -20.18
C HIS B 40 -15.14 -9.25 -21.36
N GLU B 41 -13.85 -9.04 -21.07
CA GLU B 41 -12.81 -8.91 -22.10
C GLU B 41 -11.67 -9.89 -21.85
N PRO B 42 -11.79 -11.12 -22.34
CA PRO B 42 -10.75 -12.13 -22.16
C PRO B 42 -9.52 -11.90 -23.05
N ILE B 43 -8.35 -12.17 -22.50
CA ILE B 43 -7.08 -12.06 -23.23
C ILE B 43 -6.31 -13.36 -23.04
N ASP B 44 -6.05 -14.07 -24.14
CA ASP B 44 -5.43 -15.39 -24.11
C ASP B 44 -3.90 -15.29 -24.07
N CYS B 45 -3.31 -15.75 -22.97
CA CYS B 45 -1.85 -15.80 -22.81
C CYS B 45 -1.25 -17.14 -23.29
N GLY B 46 -2.11 -18.07 -23.70
CA GLY B 46 -1.68 -19.40 -24.11
C GLY B 46 -2.12 -20.42 -23.08
N ALA B 47 -2.09 -21.72 -23.40
CA ALA B 47 -1.58 -22.23 -24.67
C ALA B 47 -2.60 -22.01 -25.79
N LEU B 48 -2.09 -21.69 -26.97
CA LEU B 48 -2.96 -21.34 -28.11
C LEU B 48 -3.46 -22.58 -28.86
N ARG B 49 -2.87 -23.74 -28.58
CA ARG B 49 -3.36 -25.01 -29.12
C ARG B 49 -3.08 -26.17 -28.16
N TYR B 50 -3.76 -27.29 -28.38
CA TYR B 50 -3.55 -28.48 -27.56
C TYR B 50 -2.19 -29.11 -27.85
N ASP B 51 -1.40 -29.30 -26.81
CA ASP B 51 -0.11 -29.99 -26.89
C ASP B 51 0.04 -30.80 -25.61
N ALA B 52 -0.17 -32.11 -25.73
CA ALA B 52 -0.20 -33.03 -24.60
C ALA B 52 1.00 -32.98 -23.64
N ASP B 53 2.15 -32.52 -24.13
CA ASP B 53 3.38 -32.52 -23.34
C ASP B 53 3.77 -31.15 -22.74
N ASP B 54 3.03 -30.08 -23.10
CA ASP B 54 3.41 -28.71 -22.67
C ASP B 54 3.38 -28.52 -21.15
N ASP B 55 4.17 -27.55 -20.69
CA ASP B 55 4.33 -27.25 -19.28
C ASP B 55 3.60 -26.01 -18.78
N TYR B 56 2.89 -26.16 -17.67
CA TYR B 56 2.00 -25.11 -17.15
C TYR B 56 2.67 -23.83 -16.66
N PRO B 57 3.85 -23.88 -16.03
CA PRO B 57 4.42 -22.69 -15.38
C PRO B 57 4.45 -21.42 -16.24
N ALA B 58 4.90 -21.52 -17.49
CA ALA B 58 5.09 -20.33 -18.33
C ALA B 58 3.77 -19.61 -18.63
N PHE B 59 2.71 -20.36 -18.86
CA PHE B 59 1.38 -19.81 -19.14
C PHE B 59 0.77 -19.12 -17.91
N CYS B 60 1.01 -19.69 -16.73
CA CYS B 60 0.44 -19.18 -15.49
C CYS B 60 1.20 -17.98 -14.97
N ILE B 61 2.52 -17.98 -15.12
CA ILE B 61 3.36 -16.85 -14.73
C ILE B 61 3.10 -15.66 -15.66
N ALA B 62 2.79 -15.94 -16.92
CA ALA B 62 2.50 -14.89 -17.89
C ALA B 62 1.17 -14.22 -17.59
N ALA B 63 0.18 -15.00 -17.20
CA ALA B 63 -1.16 -14.49 -16.88
C ALA B 63 -1.16 -13.69 -15.58
N ALA B 64 -0.41 -14.18 -14.59
CA ALA B 64 -0.33 -13.52 -13.28
C ALA B 64 0.49 -12.24 -13.35
N THR B 65 1.58 -12.28 -14.11
CA THR B 65 2.46 -11.12 -14.28
C THR B 65 1.72 -9.97 -14.95
N ARG B 66 0.94 -10.27 -15.98
CA ARG B 66 0.20 -9.26 -16.73
C ARG B 66 -0.98 -8.74 -15.92
N THR B 67 -1.53 -9.57 -15.04
CA THR B 67 -2.64 -9.17 -14.17
C THR B 67 -2.19 -8.13 -13.15
N VAL B 68 -1.03 -8.38 -12.53
CA VAL B 68 -0.45 -7.48 -11.54
C VAL B 68 -0.02 -6.15 -12.18
N ALA B 69 0.48 -6.22 -13.41
CA ALA B 69 0.97 -5.05 -14.13
C ALA B 69 -0.17 -4.22 -14.74
N ASP B 70 -1.39 -4.75 -14.65
CA ASP B 70 -2.58 -4.09 -15.17
C ASP B 70 -3.66 -4.06 -14.07
N PRO B 71 -3.49 -3.19 -13.07
CA PRO B 71 -4.40 -3.15 -11.92
C PRO B 71 -5.87 -2.98 -12.29
N GLY B 72 -6.75 -3.68 -11.58
CA GLY B 72 -8.16 -3.70 -11.91
C GLY B 72 -8.56 -4.93 -12.71
N SER B 73 -7.58 -5.53 -13.38
CA SER B 73 -7.79 -6.76 -14.15
C SER B 73 -7.79 -7.97 -13.22
N LEU B 74 -8.39 -9.06 -13.70
CA LEU B 74 -8.38 -10.34 -13.02
C LEU B 74 -7.67 -11.36 -13.91
N GLY B 75 -7.54 -12.58 -13.41
CA GLY B 75 -6.88 -13.64 -14.16
C GLY B 75 -7.39 -15.03 -13.78
N ILE B 76 -7.31 -15.97 -14.71
CA ILE B 76 -7.71 -17.34 -14.46
C ILE B 76 -6.69 -18.29 -15.09
N VAL B 77 -6.11 -19.16 -14.29
CA VAL B 77 -5.16 -20.18 -14.77
C VAL B 77 -5.79 -21.54 -14.66
N LEU B 78 -5.62 -22.37 -15.70
CA LEU B 78 -6.28 -23.69 -15.78
C LEU B 78 -5.29 -24.86 -16.00
N GLY B 79 -5.56 -25.96 -15.30
CA GLY B 79 -4.75 -27.15 -15.41
C GLY B 79 -5.65 -28.34 -15.18
N GLY B 80 -5.07 -29.45 -14.77
CA GLY B 80 -5.86 -30.65 -14.47
C GLY B 80 -6.57 -30.44 -13.12
N SER B 81 -5.81 -30.05 -12.11
CA SER B 81 -6.34 -29.77 -10.77
C SER B 81 -6.37 -28.29 -10.44
N GLY B 82 -5.56 -27.50 -11.19
CA GLY B 82 -5.48 -26.06 -11.01
C GLY B 82 -4.49 -25.70 -9.92
N ASN B 83 -3.93 -26.71 -9.26
CA ASN B 83 -3.05 -26.47 -8.11
C ASN B 83 -1.61 -26.08 -8.43
N GLY B 84 -0.97 -26.81 -9.33
CA GLY B 84 0.33 -26.42 -9.85
C GLY B 84 0.26 -25.06 -10.53
N GLU B 85 -0.92 -24.72 -11.06
CA GLU B 85 -1.14 -23.50 -11.79
C GLU B 85 -1.25 -22.28 -10.87
N GLN B 86 -1.94 -22.46 -9.73
CA GLN B 86 -2.04 -21.34 -8.75
C GLN B 86 -0.74 -21.15 -8.00
N ILE B 87 0.00 -22.25 -7.81
CA ILE B 87 1.31 -22.20 -7.14
C ILE B 87 2.28 -21.38 -7.98
N ALA B 88 2.28 -21.62 -9.28
CA ALA B 88 3.13 -20.89 -10.21
C ALA B 88 2.77 -19.40 -10.24
N ALA B 89 1.47 -19.12 -10.28
CA ALA B 89 0.97 -17.75 -10.29
C ALA B 89 1.30 -17.01 -9.00
N ASN B 90 1.35 -17.75 -7.90
CA ASN B 90 1.62 -17.18 -6.58
C ASN B 90 3.09 -16.83 -6.36
N LYS B 91 3.98 -17.33 -7.21
CA LYS B 91 5.38 -16.95 -7.18
C LYS B 91 5.62 -15.57 -7.80
N VAL B 92 4.65 -15.09 -8.58
CA VAL B 92 4.74 -13.76 -9.18
C VAL B 92 4.56 -12.69 -8.11
N PRO B 93 5.50 -11.73 -8.04
CA PRO B 93 5.38 -10.59 -7.11
C PRO B 93 4.05 -9.85 -7.24
N GLY B 94 3.34 -9.67 -6.12
CA GLY B 94 2.08 -8.94 -6.10
C GLY B 94 0.85 -9.77 -6.36
N ALA B 95 1.03 -10.99 -6.85
CA ALA B 95 -0.09 -11.84 -7.24
C ALA B 95 -0.63 -12.61 -6.04
N ARG B 96 -1.94 -12.84 -6.07
CA ARG B 96 -2.63 -13.62 -5.06
C ARG B 96 -3.63 -14.51 -5.81
N CYS B 97 -3.29 -15.79 -5.90
CA CYS B 97 -4.10 -16.73 -6.64
C CYS B 97 -4.71 -17.82 -5.76
N ALA B 98 -6.03 -17.78 -5.61
CA ALA B 98 -6.73 -18.78 -4.86
C ALA B 98 -7.07 -19.92 -5.81
N LEU B 99 -7.43 -21.07 -5.23
CA LEU B 99 -7.92 -22.21 -6.02
C LEU B 99 -9.44 -22.20 -5.81
N ALA B 100 -10.18 -21.96 -6.88
CA ALA B 100 -11.64 -21.98 -6.85
C ALA B 100 -12.15 -23.33 -7.30
N TRP B 101 -12.80 -24.05 -6.39
CA TRP B 101 -13.42 -25.35 -6.68
C TRP B 101 -14.94 -25.34 -6.41
N SER B 102 -15.48 -24.15 -6.19
CA SER B 102 -16.91 -23.98 -5.97
C SER B 102 -17.30 -22.51 -6.12
N VAL B 103 -18.60 -22.24 -6.10
CA VAL B 103 -19.11 -20.88 -6.19
C VAL B 103 -18.71 -20.08 -4.94
N GLN B 104 -18.70 -20.76 -3.79
CA GLN B 104 -18.39 -20.11 -2.52
C GLN B 104 -16.91 -19.70 -2.40
N THR B 105 -16.00 -20.59 -2.80
CA THR B 105 -14.58 -20.30 -2.69
C THR B 105 -14.11 -19.27 -3.72
N ALA B 106 -14.80 -19.21 -4.86
CA ALA B 106 -14.53 -18.19 -5.86
C ALA B 106 -14.93 -16.81 -5.33
N ALA B 107 -16.08 -16.76 -4.67
CA ALA B 107 -16.60 -15.52 -4.09
C ALA B 107 -15.76 -15.04 -2.91
N LEU B 108 -15.31 -15.98 -2.08
CA LEU B 108 -14.51 -15.67 -0.90
C LEU B 108 -13.08 -15.31 -1.27
N ALA B 109 -12.64 -15.73 -2.45
CA ALA B 109 -11.32 -15.36 -2.96
C ALA B 109 -11.26 -13.85 -3.16
N ARG B 110 -12.32 -13.30 -3.75
CA ARG B 110 -12.43 -11.86 -3.98
C ARG B 110 -12.74 -11.11 -2.68
N GLU B 111 -13.72 -11.61 -1.94
CA GLU B 111 -14.27 -10.95 -0.78
C GLU B 111 -13.27 -10.80 0.37
N HIS B 112 -12.62 -11.90 0.74
CA HIS B 112 -11.66 -11.90 1.83
C HIS B 112 -10.23 -11.71 1.44
N ASN B 113 -9.78 -12.42 0.38
CA ASN B 113 -8.38 -12.41 0.00
C ASN B 113 -7.98 -11.40 -1.09
N ASN B 114 -8.97 -10.71 -1.69
CA ASN B 114 -8.72 -9.74 -2.78
C ASN B 114 -7.87 -10.43 -3.88
N ALA B 115 -8.11 -11.71 -4.11
CA ALA B 115 -7.34 -12.47 -5.09
C ALA B 115 -7.62 -11.97 -6.50
N GLN B 116 -6.57 -11.57 -7.20
CA GLN B 116 -6.71 -11.12 -8.59
C GLN B 116 -6.84 -12.30 -9.54
N LEU B 117 -6.40 -13.47 -9.09
CA LEU B 117 -6.44 -14.69 -9.91
C LEU B 117 -7.03 -15.89 -9.19
N ILE B 118 -7.51 -16.86 -9.98
CA ILE B 118 -8.01 -18.15 -9.44
C ILE B 118 -7.53 -19.24 -10.37
N GLY B 119 -7.26 -20.40 -9.77
CA GLY B 119 -6.95 -21.61 -10.51
C GLY B 119 -8.17 -22.50 -10.52
N ILE B 120 -8.44 -23.16 -11.65
CA ILE B 120 -9.53 -24.12 -11.76
C ILE B 120 -9.03 -25.41 -12.42
N GLY B 121 -9.47 -26.54 -11.90
CA GLY B 121 -9.14 -27.84 -12.46
C GLY B 121 -10.15 -28.24 -13.53
N GLY B 122 -9.67 -28.43 -14.76
CA GLY B 122 -10.51 -28.84 -15.86
C GLY B 122 -11.02 -30.26 -15.75
N ARG B 123 -10.26 -31.11 -15.07
CA ARG B 123 -10.65 -32.49 -14.83
C ARG B 123 -11.53 -32.68 -13.59
N MET B 124 -11.74 -31.59 -12.84
CA MET B 124 -12.49 -31.65 -11.58
C MET B 124 -13.97 -31.25 -11.65
N HIS B 125 -14.35 -30.50 -12.68
CA HIS B 125 -15.72 -30.06 -12.85
C HIS B 125 -16.27 -30.30 -14.23
N THR B 126 -17.58 -30.11 -14.34
CA THR B 126 -18.25 -30.18 -15.62
C THR B 126 -18.11 -28.78 -16.20
N VAL B 127 -18.58 -28.56 -17.43
CA VAL B 127 -18.49 -27.25 -18.04
C VAL B 127 -19.39 -26.25 -17.29
N ALA B 128 -20.61 -26.67 -16.97
CA ALA B 128 -21.58 -25.81 -16.29
C ALA B 128 -21.12 -25.38 -14.90
N GLU B 129 -20.45 -26.29 -14.18
CA GLU B 129 -19.94 -26.01 -12.84
C GLU B 129 -18.76 -25.04 -12.87
N ALA B 130 -17.93 -25.16 -13.91
CA ALA B 130 -16.75 -24.30 -14.07
C ALA B 130 -17.14 -22.88 -14.44
N LEU B 131 -18.17 -22.73 -15.27
CA LEU B 131 -18.65 -21.40 -15.69
C LEU B 131 -19.36 -20.69 -14.55
N ALA B 132 -19.97 -21.46 -13.64
CA ALA B 132 -20.59 -20.91 -12.45
C ALA B 132 -19.53 -20.37 -11.49
N ILE B 133 -18.39 -21.06 -11.42
CA ILE B 133 -17.25 -20.61 -10.62
C ILE B 133 -16.70 -19.30 -11.19
N VAL B 134 -16.60 -19.22 -12.51
CA VAL B 134 -16.08 -18.04 -13.20
C VAL B 134 -16.99 -16.83 -13.00
N ASP B 135 -18.31 -17.05 -13.03
CA ASP B 135 -19.29 -15.98 -12.85
C ASP B 135 -19.14 -15.34 -11.48
N ALA B 136 -18.98 -16.18 -10.45
CA ALA B 136 -18.84 -15.70 -9.08
C ALA B 136 -17.53 -14.95 -8.88
N PHE B 137 -16.48 -15.37 -9.58
CA PHE B 137 -15.16 -14.75 -9.48
C PHE B 137 -15.15 -13.33 -10.06
N VAL B 138 -15.83 -13.14 -11.20
CA VAL B 138 -15.77 -11.86 -11.92
C VAL B 138 -16.85 -10.85 -11.50
N THR B 139 -17.79 -11.25 -10.64
CA THR B 139 -18.85 -10.35 -10.17
C THR B 139 -18.79 -10.05 -8.66
N THR B 140 -18.13 -10.90 -7.88
CA THR B 140 -18.04 -10.70 -6.44
C THR B 140 -17.02 -9.60 -6.14
N PRO B 141 -17.43 -8.54 -5.46
CA PRO B 141 -16.52 -7.43 -5.15
C PRO B 141 -15.58 -7.72 -3.98
N TRP B 142 -14.48 -6.99 -3.94
CA TRP B 142 -13.50 -7.02 -2.86
C TRP B 142 -14.17 -6.24 -1.74
N SER B 143 -14.24 -6.85 -0.54
CA SER B 143 -14.93 -6.25 0.59
C SER B 143 -14.33 -4.97 1.19
N LYS B 144 -13.00 -4.85 1.14
CA LYS B 144 -12.25 -3.72 1.71
C LYS B 144 -12.34 -3.65 3.25
N ALA B 145 -12.70 -4.77 3.89
CA ALA B 145 -12.80 -4.82 5.35
C ALA B 145 -11.39 -4.71 5.93
N GLN B 146 -11.29 -3.98 7.03
CA GLN B 146 -10.01 -3.69 7.69
C GLN B 146 -9.14 -4.90 8.00
N ARG B 147 -9.72 -5.97 8.52
CA ARG B 147 -8.94 -7.14 8.91
C ARG B 147 -8.36 -7.88 7.72
N HIS B 148 -9.11 -7.90 6.61
CA HIS B 148 -8.67 -8.53 5.37
C HIS B 148 -7.52 -7.77 4.73
N GLN B 149 -7.62 -6.43 4.71
CA GLN B 149 -6.57 -5.58 4.19
C GLN B 149 -5.31 -5.67 5.06
N ARG B 150 -5.50 -5.86 6.37
CA ARG B 150 -4.38 -5.96 7.30
C ARG B 150 -3.58 -7.24 7.02
N ARG B 151 -4.28 -8.33 6.72
CA ARG B 151 -3.63 -9.61 6.44
C ARG B 151 -2.90 -9.56 5.10
N ILE B 152 -3.52 -8.91 4.11
CA ILE B 152 -2.90 -8.73 2.80
C ILE B 152 -1.64 -7.87 2.90
N ASP B 153 -1.67 -6.87 3.79
CA ASP B 153 -0.53 -5.97 3.99
C ASP B 153 0.63 -6.71 4.65
N ILE B 154 0.33 -7.62 5.57
CA ILE B 154 1.36 -8.42 6.23
C ILE B 154 2.04 -9.34 5.23
N LEU B 155 1.26 -9.98 4.37
CA LEU B 155 1.79 -10.89 3.37
C LEU B 155 2.60 -10.14 2.31
N ALA B 156 2.16 -8.93 1.97
CA ALA B 156 2.87 -8.10 0.99
C ALA B 156 4.21 -7.65 1.56
N GLU B 157 4.27 -7.45 2.88
CA GLU B 157 5.49 -7.03 3.55
C GLU B 157 6.50 -8.17 3.61
N TYR B 158 6.01 -9.40 3.78
CA TYR B 158 6.87 -10.58 3.72
C TYR B 158 7.40 -10.80 2.31
N GLU B 159 6.58 -10.49 1.31
CA GLU B 159 6.99 -10.63 -0.09
C GLU B 159 8.08 -9.62 -0.44
N ARG B 160 8.07 -8.48 0.24
CA ARG B 160 9.03 -7.40 0.00
C ARG B 160 10.42 -7.74 0.52
N THR B 161 10.50 -8.22 1.74
CA THR B 161 11.77 -8.51 2.43
C THR B 161 12.12 -9.98 2.61
N HIS B 162 11.12 -10.84 2.52
CA HIS B 162 11.27 -12.29 2.76
C HIS B 162 11.81 -12.55 4.18
N GLU B 163 11.44 -11.65 5.10
CA GLU B 163 11.75 -11.80 6.52
C GLU B 163 10.46 -12.23 7.22
N ALA B 164 10.42 -13.49 7.63
CA ALA B 164 9.21 -14.06 8.23
C ALA B 164 8.78 -13.26 9.47
N PRO B 165 7.53 -12.81 9.50
CA PRO B 165 7.04 -12.04 10.65
C PRO B 165 6.89 -12.92 11.89
N PRO B 166 7.06 -12.36 13.09
CA PRO B 166 6.97 -13.15 14.32
C PRO B 166 5.55 -13.61 14.60
N VAL B 167 5.40 -14.81 15.16
CA VAL B 167 4.10 -15.36 15.51
C VAL B 167 3.65 -14.87 16.90
N PRO B 168 2.37 -14.55 17.06
CA PRO B 168 1.83 -14.26 18.39
C PRO B 168 1.80 -15.50 19.29
N GLY C 13 -6.60 36.02 -23.37
CA GLY C 13 -7.89 35.39 -23.36
C GLY C 13 -7.78 33.87 -23.38
N MET C 14 -7.61 33.28 -22.19
CA MET C 14 -7.48 31.85 -22.06
C MET C 14 -8.68 31.25 -21.31
N ARG C 15 -9.22 30.15 -21.83
CA ARG C 15 -10.29 29.41 -21.21
C ARG C 15 -9.59 28.48 -20.21
N VAL C 16 -9.99 28.53 -18.94
CA VAL C 16 -9.30 27.78 -17.87
C VAL C 16 -10.28 26.95 -17.03
N TYR C 17 -10.21 25.63 -17.17
CA TYR C 17 -11.04 24.70 -16.40
C TYR C 17 -10.41 24.41 -15.05
N LEU C 18 -11.07 24.84 -13.97
CA LEU C 18 -10.58 24.61 -12.62
C LEU C 18 -11.34 23.49 -11.92
N GLY C 19 -10.62 22.73 -11.11
CA GLY C 19 -11.14 21.64 -10.32
C GLY C 19 -10.45 21.69 -8.95
N ALA C 20 -11.15 21.33 -7.88
CA ALA C 20 -10.58 21.34 -6.57
C ALA C 20 -11.41 20.67 -5.49
N ASP C 21 -10.74 20.10 -4.47
CA ASP C 21 -11.44 19.53 -3.36
C ASP C 21 -11.46 20.61 -2.27
N HIS C 22 -11.96 20.25 -1.09
CA HIS C 22 -12.05 21.16 0.06
C HIS C 22 -10.76 21.88 0.42
N ALA C 23 -9.63 21.18 0.31
CA ALA C 23 -8.33 21.72 0.72
C ALA C 23 -7.85 22.86 -0.19
N GLY C 24 -8.27 22.83 -1.45
CA GLY C 24 -7.96 23.89 -2.39
C GLY C 24 -9.18 24.68 -2.85
N TYR C 25 -10.29 24.59 -2.11
CA TYR C 25 -11.54 25.20 -2.51
C TYR C 25 -11.50 26.73 -2.42
N GLU C 26 -11.11 27.25 -1.25
CA GLU C 26 -11.08 28.69 -1.03
C GLU C 26 -10.10 29.38 -1.98
N LEU C 27 -8.98 28.72 -2.27
CA LEU C 27 -8.00 29.27 -3.20
C LEU C 27 -8.54 29.25 -4.64
N LYS C 28 -9.32 28.23 -4.98
CA LYS C 28 -9.92 28.12 -6.31
C LYS C 28 -10.88 29.27 -6.60
N GLN C 29 -11.65 29.68 -5.59
CA GLN C 29 -12.58 30.79 -5.73
C GLN C 29 -11.84 32.11 -5.89
N ARG C 30 -10.69 32.23 -5.25
CA ARG C 30 -9.85 33.42 -5.33
C ARG C 30 -9.16 33.48 -6.69
N ILE C 31 -8.87 32.31 -7.27
CA ILE C 31 -8.24 32.24 -8.59
C ILE C 31 -9.26 32.50 -9.69
N ILE C 32 -10.51 32.12 -9.46
CA ILE C 32 -11.59 32.35 -10.43
C ILE C 32 -11.85 33.84 -10.55
N GLU C 33 -11.85 34.54 -9.41
CA GLU C 33 -12.05 35.99 -9.40
C GLU C 33 -10.87 36.73 -10.03
N HIS C 34 -9.66 36.26 -9.76
CA HIS C 34 -8.46 36.88 -10.32
C HIS C 34 -8.41 36.71 -11.84
N LEU C 35 -8.84 35.55 -12.33
CA LEU C 35 -8.80 35.25 -13.75
C LEU C 35 -9.81 36.10 -14.51
N LYS C 36 -10.97 36.35 -13.90
CA LYS C 36 -11.98 37.23 -14.48
C LYS C 36 -11.44 38.65 -14.64
N GLN C 37 -10.74 39.11 -13.60
CA GLN C 37 -10.21 40.47 -13.55
C GLN C 37 -9.02 40.71 -14.50
N THR C 38 -8.39 39.64 -14.97
CA THR C 38 -7.24 39.75 -15.87
C THR C 38 -7.56 39.30 -17.31
N GLY C 39 -8.85 39.28 -17.64
CA GLY C 39 -9.30 39.02 -19.01
C GLY C 39 -9.30 37.57 -19.46
N HIS C 40 -9.52 36.66 -18.53
CA HIS C 40 -9.63 35.23 -18.84
C HIS C 40 -11.04 34.73 -18.53
N GLU C 41 -11.34 33.50 -18.97
CA GLU C 41 -12.66 32.90 -18.84
C GLU C 41 -12.58 31.61 -18.01
N PRO C 42 -12.68 31.73 -16.68
CA PRO C 42 -12.60 30.54 -15.81
C PRO C 42 -13.90 29.74 -15.79
N ILE C 43 -13.79 28.43 -15.98
CA ILE C 43 -14.93 27.51 -15.95
C ILE C 43 -14.80 26.59 -14.73
N ASP C 44 -15.74 26.71 -13.80
CA ASP C 44 -15.70 25.94 -12.56
C ASP C 44 -16.29 24.54 -12.74
N CYS C 45 -15.46 23.51 -12.50
CA CYS C 45 -15.89 22.11 -12.58
C CYS C 45 -16.26 21.54 -11.21
N GLY C 46 -16.10 22.34 -10.17
CA GLY C 46 -16.38 21.92 -8.80
C GLY C 46 -15.08 21.77 -8.01
N ALA C 47 -15.14 21.72 -6.68
CA ALA C 47 -16.38 21.71 -5.91
C ALA C 47 -17.01 23.11 -5.87
N LEU C 48 -18.34 23.14 -5.87
CA LEU C 48 -19.09 24.40 -5.89
C LEU C 48 -19.26 24.98 -4.50
N ARG C 49 -19.05 24.15 -3.47
CA ARG C 49 -19.00 24.64 -2.09
C ARG C 49 -17.97 23.87 -1.25
N TYR C 50 -17.75 24.34 -0.03
CA TYR C 50 -16.82 23.69 0.89
C TYR C 50 -17.49 22.48 1.53
N ASP C 51 -16.92 21.30 1.27
CA ASP C 51 -17.33 20.06 1.90
C ASP C 51 -16.05 19.38 2.39
N ALA C 52 -15.82 19.43 3.69
CA ALA C 52 -14.58 18.96 4.31
C ALA C 52 -14.15 17.53 3.98
N ASP C 53 -15.10 16.68 3.63
CA ASP C 53 -14.85 15.25 3.41
C ASP C 53 -14.88 14.81 1.94
N ASP C 54 -15.08 15.77 1.02
CA ASP C 54 -15.17 15.44 -0.41
C ASP C 54 -13.86 14.95 -1.00
N ASP C 55 -13.98 14.23 -2.13
CA ASP C 55 -12.83 13.59 -2.82
C ASP C 55 -12.38 14.30 -4.10
N TYR C 56 -11.05 14.47 -4.20
CA TYR C 56 -10.48 15.25 -5.30
C TYR C 56 -10.54 14.64 -6.73
N PRO C 57 -10.37 13.31 -6.86
CA PRO C 57 -10.31 12.71 -8.21
C PRO C 57 -11.35 13.15 -9.23
N ALA C 58 -12.62 13.12 -8.87
CA ALA C 58 -13.70 13.46 -9.80
C ALA C 58 -13.61 14.88 -10.36
N PHE C 59 -13.22 15.84 -9.52
CA PHE C 59 -13.08 17.23 -9.94
C PHE C 59 -11.87 17.43 -10.86
N CYS C 60 -10.80 16.69 -10.61
CA CYS C 60 -9.56 16.82 -11.39
C CYS C 60 -9.65 16.09 -12.73
N ILE C 61 -10.35 14.95 -12.74
CA ILE C 61 -10.58 14.19 -13.96
C ILE C 61 -11.55 14.95 -14.87
N ALA C 62 -12.49 15.68 -14.27
CA ALA C 62 -13.44 16.49 -15.04
C ALA C 62 -12.72 17.64 -15.72
N ALA C 63 -11.86 18.33 -14.96
CA ALA C 63 -11.14 19.49 -15.48
C ALA C 63 -10.12 19.13 -16.55
N ALA C 64 -9.47 17.97 -16.40
CA ALA C 64 -8.46 17.52 -17.35
C ALA C 64 -9.09 16.96 -18.63
N THR C 65 -10.21 16.25 -18.47
CA THR C 65 -10.95 15.71 -19.61
C THR C 65 -11.48 16.82 -20.51
N ARG C 66 -11.97 17.90 -19.90
CA ARG C 66 -12.53 19.03 -20.64
C ARG C 66 -11.44 19.85 -21.32
N THR C 67 -10.31 20.02 -20.63
CA THR C 67 -9.16 20.73 -21.18
C THR C 67 -8.65 20.07 -22.46
N VAL C 68 -8.54 18.74 -22.43
CA VAL C 68 -8.01 17.98 -23.57
C VAL C 68 -9.00 17.94 -24.74
N ALA C 69 -10.29 17.87 -24.43
CA ALA C 69 -11.34 17.87 -25.44
C ALA C 69 -11.61 19.26 -26.02
N ASP C 70 -10.94 20.27 -25.46
CA ASP C 70 -11.08 21.66 -25.90
C ASP C 70 -9.68 22.24 -26.17
N PRO C 71 -9.06 21.87 -27.30
CA PRO C 71 -7.68 22.28 -27.60
C PRO C 71 -7.47 23.79 -27.60
N GLY C 72 -6.39 24.24 -26.97
CA GLY C 72 -6.09 25.66 -26.81
C GLY C 72 -6.44 26.19 -25.42
N SER C 73 -7.20 25.39 -24.66
CA SER C 73 -7.57 25.75 -23.30
C SER C 73 -6.53 25.21 -22.31
N LEU C 74 -6.57 25.77 -21.10
CA LEU C 74 -5.73 25.32 -20.00
C LEU C 74 -6.61 24.84 -18.84
N GLY C 75 -5.97 24.40 -17.76
CA GLY C 75 -6.66 23.93 -16.58
C GLY C 75 -5.81 24.05 -15.33
N ILE C 76 -6.47 24.18 -14.17
CA ILE C 76 -5.79 24.26 -12.89
C ILE C 76 -6.54 23.41 -11.87
N VAL C 77 -5.87 22.39 -11.32
CA VAL C 77 -6.45 21.56 -10.27
C VAL C 77 -5.81 21.91 -8.92
N LEU C 78 -6.63 21.99 -7.88
CA LEU C 78 -6.18 22.46 -6.57
C LEU C 78 -6.49 21.43 -5.47
N GLY C 79 -5.53 21.25 -4.56
CA GLY C 79 -5.75 20.47 -3.35
C GLY C 79 -4.92 21.02 -2.21
N GLY C 80 -4.58 20.17 -1.26
CA GLY C 80 -3.72 20.56 -0.15
C GLY C 80 -2.29 20.76 -0.62
N SER C 81 -1.77 19.76 -1.33
CA SER C 81 -0.41 19.79 -1.87
C SER C 81 -0.40 19.90 -3.39
N GLY C 82 -1.54 19.50 -4.00
CA GLY C 82 -1.75 19.51 -5.44
C GLY C 82 -1.16 18.28 -6.17
N ASN C 83 -0.60 17.34 -5.40
CA ASN C 83 0.07 16.15 -6.00
C ASN C 83 -0.94 15.07 -6.39
N GLY C 84 -1.87 14.76 -5.51
CA GLY C 84 -2.86 13.77 -5.83
C GLY C 84 -3.73 14.30 -6.95
N GLU C 85 -3.85 15.61 -7.03
CA GLU C 85 -4.66 16.28 -8.04
C GLU C 85 -4.03 16.20 -9.42
N GLN C 86 -2.71 16.38 -9.51
CA GLN C 86 -2.04 16.30 -10.81
C GLN C 86 -1.94 14.84 -11.26
N ILE C 87 -1.81 13.92 -10.30
CA ILE C 87 -1.75 12.49 -10.60
C ILE C 87 -3.07 12.03 -11.22
N ALA C 88 -4.18 12.50 -10.68
CA ALA C 88 -5.51 12.17 -11.20
C ALA C 88 -5.72 12.75 -12.59
N ALA C 89 -5.28 13.99 -12.78
CA ALA C 89 -5.38 14.67 -14.08
C ALA C 89 -4.52 13.97 -15.14
N ASN C 90 -3.40 13.39 -14.71
CA ASN C 90 -2.46 12.74 -15.61
C ASN C 90 -2.94 11.36 -16.08
N LYS C 91 -3.90 10.79 -15.38
CA LYS C 91 -4.53 9.54 -15.81
C LYS C 91 -5.46 9.74 -17.00
N VAL C 92 -5.90 10.96 -17.22
CA VAL C 92 -6.75 11.29 -18.37
C VAL C 92 -5.91 11.23 -19.66
N PRO C 93 -6.36 10.50 -20.67
CA PRO C 93 -5.66 10.44 -21.96
C PRO C 93 -5.45 11.82 -22.60
N GLY C 94 -4.22 12.10 -23.06
CA GLY C 94 -3.88 13.35 -23.71
C GLY C 94 -3.48 14.48 -22.77
N ALA C 95 -3.63 14.26 -21.46
CA ALA C 95 -3.39 15.30 -20.48
C ALA C 95 -1.95 15.27 -19.97
N ARG C 96 -1.39 16.46 -19.73
CA ARG C 96 -0.08 16.62 -19.14
C ARG C 96 -0.25 17.67 -18.06
N CYS C 97 -0.22 17.25 -16.80
CA CYS C 97 -0.43 18.14 -15.66
C CYS C 97 0.83 18.20 -14.80
N ALA C 98 1.51 19.34 -14.82
CA ALA C 98 2.68 19.55 -14.01
C ALA C 98 2.21 20.01 -12.62
N LEU C 99 3.14 20.03 -11.68
CA LEU C 99 2.86 20.60 -10.36
C LEU C 99 3.62 21.90 -10.32
N ALA C 100 2.88 23.02 -10.27
CA ALA C 100 3.47 24.34 -10.19
C ALA C 100 3.57 24.80 -8.73
N TRP C 101 4.80 24.93 -8.25
CA TRP C 101 5.08 25.41 -6.89
C TRP C 101 5.90 26.71 -6.90
N SER C 102 6.09 27.29 -8.08
CA SER C 102 6.78 28.56 -8.22
C SER C 102 6.51 29.16 -9.60
N VAL C 103 6.92 30.41 -9.78
CA VAL C 103 6.78 31.09 -11.07
C VAL C 103 7.60 30.38 -12.14
N GLN C 104 8.78 29.92 -11.78
CA GLN C 104 9.69 29.25 -12.72
C GLN C 104 9.12 27.93 -13.22
N THR C 105 8.56 27.13 -12.32
CA THR C 105 8.03 25.81 -12.67
C THR C 105 6.68 25.91 -13.40
N ALA C 106 5.95 27.00 -13.18
CA ALA C 106 4.70 27.24 -13.90
C ALA C 106 5.01 27.60 -15.35
N ALA C 107 6.04 28.43 -15.54
CA ALA C 107 6.48 28.85 -16.87
C ALA C 107 7.08 27.69 -17.63
N LEU C 108 7.98 26.94 -16.98
CA LEU C 108 8.63 25.79 -17.59
C LEU C 108 7.64 24.70 -17.97
N ALA C 109 6.57 24.56 -17.18
CA ALA C 109 5.50 23.61 -17.51
C ALA C 109 4.95 23.93 -18.90
N ARG C 110 4.75 25.21 -19.18
CA ARG C 110 4.27 25.63 -20.50
C ARG C 110 5.31 25.49 -21.62
N GLU C 111 6.50 26.08 -21.46
CA GLU C 111 7.47 26.13 -22.57
C GLU C 111 8.09 24.77 -22.90
N HIS C 112 8.37 23.96 -21.89
CA HIS C 112 9.03 22.66 -22.07
C HIS C 112 8.05 21.50 -22.21
N ASN C 113 7.09 21.40 -21.31
CA ASN C 113 6.21 20.25 -21.23
C ASN C 113 4.89 20.38 -22.01
N ASN C 114 4.58 21.59 -22.39
CA ASN C 114 3.29 21.88 -23.01
C ASN C 114 2.14 21.41 -22.11
N ALA C 115 2.34 21.53 -20.80
CA ALA C 115 1.34 21.12 -19.84
C ALA C 115 0.09 21.99 -19.94
N GLN C 116 -1.02 21.36 -20.33
CA GLN C 116 -2.30 22.05 -20.41
C GLN C 116 -2.87 22.33 -19.02
N LEU C 117 -2.37 21.60 -18.02
CA LEU C 117 -2.82 21.76 -16.64
C LEU C 117 -1.68 21.86 -15.62
N ILE C 118 -1.96 22.49 -14.50
CA ILE C 118 -1.01 22.53 -13.37
C ILE C 118 -1.80 22.28 -12.09
N GLY C 119 -1.16 21.58 -11.15
CA GLY C 119 -1.68 21.39 -9.82
C GLY C 119 -1.02 22.37 -8.87
N ILE C 120 -1.80 22.92 -7.94
CA ILE C 120 -1.27 23.82 -6.92
C ILE C 120 -1.82 23.42 -5.55
N GLY C 121 -0.95 23.44 -4.54
CA GLY C 121 -1.35 23.16 -3.18
C GLY C 121 -1.66 24.44 -2.44
N GLY C 122 -2.90 24.58 -1.97
CA GLY C 122 -3.33 25.76 -1.23
C GLY C 122 -2.72 25.91 0.15
N ARG C 123 -2.20 24.82 0.70
CA ARG C 123 -1.57 24.83 2.02
C ARG C 123 -0.08 25.19 1.94
N MET C 124 0.46 25.21 0.71
CA MET C 124 1.89 25.44 0.50
C MET C 124 2.29 26.89 0.20
N HIS C 125 1.35 27.71 -0.25
CA HIS C 125 1.64 29.11 -0.59
C HIS C 125 0.66 30.10 0.02
N THR C 126 1.07 31.38 -0.03
CA THR C 126 0.19 32.45 0.40
C THR C 126 -0.70 32.71 -0.83
N VAL C 127 -1.67 33.59 -0.68
CA VAL C 127 -2.57 33.92 -1.79
C VAL C 127 -1.81 34.66 -2.90
N ALA C 128 -0.94 35.58 -2.52
CA ALA C 128 -0.14 36.34 -3.48
C ALA C 128 0.81 35.45 -4.27
N GLU C 129 1.42 34.48 -3.59
CA GLU C 129 2.35 33.54 -4.23
C GLU C 129 1.64 32.62 -5.21
N ALA C 130 0.43 32.21 -4.87
CA ALA C 130 -0.37 31.30 -5.71
C ALA C 130 -0.89 32.01 -6.96
N LEU C 131 -1.23 33.29 -6.82
CA LEU C 131 -1.73 34.07 -7.95
C LEU C 131 -0.62 34.42 -8.93
N ALA C 132 0.60 34.55 -8.42
CA ALA C 132 1.78 34.77 -9.26
C ALA C 132 2.11 33.52 -10.07
N ILE C 133 1.89 32.35 -9.47
CA ILE C 133 2.09 31.08 -10.16
C ILE C 133 1.08 30.93 -11.28
N VAL C 134 -0.16 31.37 -11.05
CA VAL C 134 -1.23 31.29 -12.05
C VAL C 134 -0.96 32.24 -13.22
N ASP C 135 -0.43 33.43 -12.93
CA ASP C 135 -0.14 34.42 -13.98
C ASP C 135 0.93 33.89 -14.94
N ALA C 136 1.94 33.24 -14.40
CA ALA C 136 3.01 32.67 -15.22
C ALA C 136 2.48 31.52 -16.09
N PHE C 137 1.54 30.77 -15.55
CA PHE C 137 0.97 29.62 -16.25
C PHE C 137 0.15 30.02 -17.47
N VAL C 138 -0.68 31.06 -17.33
CA VAL C 138 -1.62 31.45 -18.38
C VAL C 138 -1.05 32.40 -19.43
N THR C 139 0.11 32.99 -19.14
CA THR C 139 0.74 33.96 -20.06
C THR C 139 1.99 33.42 -20.77
N THR C 140 2.63 32.41 -20.19
CA THR C 140 3.84 31.81 -20.78
C THR C 140 3.45 30.91 -21.95
N PRO C 141 3.98 31.18 -23.13
CA PRO C 141 3.65 30.38 -24.32
C PRO C 141 4.37 29.04 -24.38
N TRP C 142 3.77 28.09 -25.08
CA TRP C 142 4.33 26.76 -25.37
C TRP C 142 5.38 27.05 -26.42
N SER C 143 6.63 26.61 -26.18
CA SER C 143 7.74 26.95 -27.09
C SER C 143 7.68 26.34 -28.48
N LYS C 144 7.08 25.15 -28.59
CA LYS C 144 7.01 24.39 -29.85
C LYS C 144 8.38 23.89 -30.33
N ALA C 145 9.36 23.84 -29.43
CA ALA C 145 10.73 23.40 -29.76
C ALA C 145 10.73 21.93 -30.15
N GLN C 146 11.58 21.61 -31.11
CA GLN C 146 11.66 20.26 -31.65
C GLN C 146 11.83 19.14 -30.62
N ARG C 147 12.78 19.32 -29.70
CA ARG C 147 13.10 18.29 -28.71
C ARG C 147 11.98 18.11 -27.69
N HIS C 148 11.29 19.20 -27.35
CA HIS C 148 10.16 19.15 -26.43
C HIS C 148 8.97 18.43 -27.06
N GLN C 149 8.69 18.74 -28.31
CA GLN C 149 7.61 18.10 -29.07
C GLN C 149 7.89 16.62 -29.28
N ARG C 150 9.17 16.26 -29.41
CA ARG C 150 9.57 14.87 -29.60
C ARG C 150 9.31 14.04 -28.35
N ARG C 151 9.56 14.64 -27.18
CA ARG C 151 9.36 13.96 -25.91
C ARG C 151 7.88 13.77 -25.61
N ILE C 152 7.09 14.81 -25.88
CA ILE C 152 5.64 14.78 -25.71
C ILE C 152 5.00 13.75 -26.63
N ASP C 153 5.53 13.62 -27.85
CA ASP C 153 5.02 12.67 -28.83
C ASP C 153 5.35 11.23 -28.44
N ILE C 154 6.48 11.02 -27.77
CA ILE C 154 6.86 9.70 -27.28
C ILE C 154 5.91 9.25 -26.18
N LEU C 155 5.53 10.18 -25.31
CA LEU C 155 4.64 9.88 -24.20
C LEU C 155 3.22 9.58 -24.67
N ALA C 156 2.75 10.31 -25.68
CA ALA C 156 1.42 10.12 -26.24
C ALA C 156 1.32 8.78 -26.96
N GLU C 157 2.42 8.39 -27.61
CA GLU C 157 2.51 7.09 -28.28
C GLU C 157 2.49 5.96 -27.25
N TYR C 158 3.08 6.20 -26.08
CA TYR C 158 3.04 5.21 -25.00
C TYR C 158 1.63 5.10 -24.42
N GLU C 159 0.89 6.22 -24.40
CA GLU C 159 -0.49 6.21 -23.90
C GLU C 159 -1.41 5.39 -24.81
N ARG C 160 -1.11 5.41 -26.11
CA ARG C 160 -1.93 4.73 -27.10
C ARG C 160 -1.76 3.21 -27.06
N THR C 161 -0.50 2.73 -26.93
CA THR C 161 -0.20 1.31 -26.99
C THR C 161 0.16 0.64 -25.66
N HIS C 162 0.56 1.43 -24.66
CA HIS C 162 1.03 0.95 -23.36
C HIS C 162 2.23 0.01 -23.54
N GLU C 163 3.01 0.27 -24.59
CA GLU C 163 4.23 -0.49 -24.86
C GLU C 163 5.41 0.41 -24.56
N ALA C 164 6.15 0.08 -23.51
CA ALA C 164 7.26 0.91 -23.04
C ALA C 164 8.30 1.08 -24.14
N PRO C 165 8.67 2.32 -24.46
CA PRO C 165 9.66 2.58 -25.52
C PRO C 165 11.05 2.12 -25.08
N PRO C 166 11.92 1.76 -26.02
CA PRO C 166 13.25 1.25 -25.68
C PRO C 166 14.07 2.25 -24.87
N VAL C 167 14.85 1.74 -23.92
CA VAL C 167 15.68 2.57 -23.06
C VAL C 167 17.08 2.68 -23.65
N PRO C 168 17.48 3.88 -24.08
CA PRO C 168 18.82 4.07 -24.67
C PRO C 168 19.94 3.63 -23.72
N GLY C 169 20.81 2.74 -24.20
CA GLY C 169 21.94 2.27 -23.42
C GLY C 169 21.60 1.28 -22.32
N ALA C 170 20.49 0.55 -22.48
CA ALA C 170 20.06 -0.42 -21.48
C ALA C 170 20.90 -1.70 -21.55
N SER D 12 13.42 -1.84 6.97
CA SER D 12 13.83 -0.45 6.92
C SER D 12 14.36 -0.05 5.55
N GLY D 13 15.22 -0.90 4.97
CA GLY D 13 15.78 -0.65 3.66
C GLY D 13 14.76 -0.81 2.55
N MET D 14 14.75 0.13 1.61
CA MET D 14 13.81 0.16 0.50
C MET D 14 14.46 0.03 -0.85
N ARG D 15 13.89 -0.80 -1.73
CA ARG D 15 14.35 -0.94 -3.09
C ARG D 15 13.80 0.29 -3.83
N VAL D 16 14.65 0.97 -4.58
CA VAL D 16 14.28 2.21 -5.27
C VAL D 16 14.76 2.19 -6.73
N TYR D 17 13.82 2.22 -7.67
CA TYR D 17 14.13 2.31 -9.09
C TYR D 17 14.27 3.76 -9.52
N LEU D 18 15.45 4.14 -10.03
CA LEU D 18 15.71 5.50 -10.44
C LEU D 18 15.81 5.64 -11.95
N GLY D 19 15.21 6.70 -12.48
CA GLY D 19 15.25 7.02 -13.89
C GLY D 19 15.51 8.51 -14.07
N ALA D 20 16.20 8.91 -15.13
CA ALA D 20 16.51 10.30 -15.35
C ALA D 20 17.04 10.60 -16.78
N ASP D 21 16.89 11.85 -17.19
CA ASP D 21 17.44 12.32 -18.45
C ASP D 21 18.70 13.09 -18.08
N HIS D 22 19.33 13.71 -19.06
CA HIS D 22 20.59 14.44 -18.88
C HIS D 22 20.53 15.56 -17.84
N ALA D 23 19.38 16.21 -17.70
CA ALA D 23 19.22 17.32 -16.75
C ALA D 23 19.20 16.86 -15.29
N GLY D 24 18.75 15.62 -15.07
CA GLY D 24 18.74 15.02 -13.75
C GLY D 24 19.79 13.94 -13.55
N TYR D 25 20.66 13.74 -14.54
CA TYR D 25 21.60 12.62 -14.53
C TYR D 25 22.61 12.70 -13.40
N GLU D 26 23.23 13.86 -13.23
CA GLU D 26 24.26 14.04 -12.20
C GLU D 26 23.69 13.88 -10.80
N LEU D 27 22.48 14.41 -10.58
CA LEU D 27 21.80 14.26 -9.29
C LEU D 27 21.43 12.81 -9.02
N LYS D 28 21.09 12.07 -10.07
CA LYS D 28 20.71 10.66 -9.94
C LYS D 28 21.86 9.81 -9.42
N GLN D 29 23.08 10.11 -9.86
CA GLN D 29 24.26 9.38 -9.40
C GLN D 29 24.56 9.69 -7.93
N ARG D 30 24.28 10.92 -7.51
CA ARG D 30 24.49 11.35 -6.13
C ARG D 30 23.46 10.71 -5.19
N ILE D 31 22.25 10.49 -5.70
CA ILE D 31 21.18 9.88 -4.91
C ILE D 31 21.40 8.37 -4.81
N ILE D 32 21.93 7.76 -5.87
CA ILE D 32 22.25 6.33 -5.86
C ILE D 32 23.30 6.04 -4.79
N GLU D 33 24.32 6.89 -4.72
CA GLU D 33 25.39 6.75 -3.73
C GLU D 33 24.86 6.99 -2.32
N HIS D 34 24.00 7.99 -2.17
CA HIS D 34 23.41 8.33 -0.87
C HIS D 34 22.49 7.21 -0.36
N LEU D 35 21.79 6.54 -1.27
CA LEU D 35 20.87 5.47 -0.92
C LEU D 35 21.64 4.23 -0.48
N LYS D 36 22.78 4.00 -1.09
CA LYS D 36 23.64 2.86 -0.75
C LYS D 36 24.18 3.08 0.67
N GLN D 37 24.54 4.34 0.97
CA GLN D 37 25.13 4.68 2.27
C GLN D 37 24.13 4.71 3.43
N THR D 38 22.83 4.76 3.13
CA THR D 38 21.79 4.83 4.14
C THR D 38 20.94 3.55 4.23
N GLY D 39 21.46 2.44 3.70
CA GLY D 39 20.86 1.14 3.89
C GLY D 39 19.80 0.71 2.89
N HIS D 40 19.64 1.48 1.82
CA HIS D 40 18.66 1.19 0.77
C HIS D 40 19.32 0.55 -0.46
N GLU D 41 18.50 0.12 -1.41
CA GLU D 41 18.95 -0.65 -2.58
C GLU D 41 18.55 0.05 -3.89
N PRO D 42 19.40 0.94 -4.40
CA PRO D 42 19.10 1.66 -5.65
C PRO D 42 19.31 0.81 -6.89
N ILE D 43 18.42 0.94 -7.86
CA ILE D 43 18.50 0.20 -9.13
C ILE D 43 18.38 1.21 -10.28
N ASP D 44 19.44 1.32 -11.07
CA ASP D 44 19.53 2.32 -12.13
C ASP D 44 18.87 1.82 -13.42
N CYS D 45 17.80 2.50 -13.85
CA CYS D 45 17.11 2.21 -15.11
C CYS D 45 17.66 3.03 -16.28
N GLY D 46 18.62 3.91 -16.02
CA GLY D 46 19.15 4.82 -17.01
C GLY D 46 18.67 6.24 -16.76
N ALA D 47 19.32 7.26 -17.34
CA ALA D 47 20.41 7.08 -18.29
C ALA D 47 21.70 6.73 -17.56
N LEU D 48 22.48 5.83 -18.16
CA LEU D 48 23.73 5.37 -17.56
C LEU D 48 24.89 6.32 -17.86
N ARG D 49 24.76 7.10 -18.93
CA ARG D 49 25.74 8.13 -19.28
C ARG D 49 25.04 9.47 -19.56
N TYR D 50 25.83 10.54 -19.53
CA TYR D 50 25.31 11.88 -19.84
C TYR D 50 25.19 12.02 -21.35
N ASP D 51 24.02 12.36 -21.83
CA ASP D 51 23.73 12.63 -23.23
C ASP D 51 22.83 13.87 -23.23
N ALA D 52 23.40 14.99 -23.61
CA ALA D 52 22.67 16.27 -23.58
C ALA D 52 21.36 16.34 -24.37
N ASP D 53 21.21 15.49 -25.38
CA ASP D 53 20.03 15.50 -26.25
C ASP D 53 18.98 14.43 -25.90
N ASP D 54 19.26 13.56 -24.92
CA ASP D 54 18.37 12.44 -24.63
C ASP D 54 17.02 12.85 -24.07
N ASP D 55 16.05 11.95 -24.28
CA ASP D 55 14.64 12.18 -23.90
C ASP D 55 14.19 11.43 -22.63
N TYR D 56 13.55 12.18 -21.73
CA TYR D 56 13.16 11.64 -20.41
C TYR D 56 12.07 10.57 -20.41
N PRO D 57 11.08 10.61 -21.29
CA PRO D 57 10.00 9.60 -21.26
C PRO D 57 10.37 8.13 -21.05
N ALA D 58 11.31 7.61 -21.83
CA ALA D 58 11.66 6.19 -21.80
C ALA D 58 12.24 5.76 -20.44
N PHE D 59 13.06 6.61 -19.86
CA PHE D 59 13.71 6.31 -18.57
C PHE D 59 12.71 6.34 -17.41
N CYS D 60 11.73 7.24 -17.48
CA CYS D 60 10.74 7.42 -16.43
C CYS D 60 9.65 6.34 -16.49
N ILE D 61 9.29 5.93 -17.70
CA ILE D 61 8.32 4.85 -17.90
C ILE D 61 8.93 3.53 -17.44
N ALA D 62 10.24 3.38 -17.61
CA ALA D 62 10.93 2.16 -17.19
C ALA D 62 10.97 2.04 -15.67
N ALA D 63 11.32 3.13 -14.99
CA ALA D 63 11.40 3.16 -13.54
C ALA D 63 10.03 2.96 -12.90
N ALA D 64 9.00 3.56 -13.49
CA ALA D 64 7.64 3.48 -12.98
C ALA D 64 7.02 2.12 -13.24
N THR D 65 7.29 1.54 -14.40
CA THR D 65 6.77 0.23 -14.77
C THR D 65 7.34 -0.86 -13.87
N ARG D 66 8.63 -0.78 -13.58
CA ARG D 66 9.32 -1.75 -12.74
C ARG D 66 8.92 -1.60 -11.27
N THR D 67 8.58 -0.37 -10.86
CA THR D 67 8.13 -0.10 -9.50
C THR D 67 6.78 -0.75 -9.23
N VAL D 68 5.86 -0.63 -10.18
CA VAL D 68 4.51 -1.19 -10.05
C VAL D 68 4.56 -2.72 -10.08
N ALA D 69 5.44 -3.29 -10.90
CA ALA D 69 5.57 -4.74 -11.06
C ALA D 69 6.32 -5.38 -9.89
N ASP D 70 6.90 -4.54 -9.03
CA ASP D 70 7.66 -4.99 -7.87
C ASP D 70 7.10 -4.30 -6.61
N PRO D 71 5.92 -4.73 -6.15
CA PRO D 71 5.23 -4.05 -5.05
C PRO D 71 6.05 -3.98 -3.77
N GLY D 72 5.97 -2.86 -3.06
CA GLY D 72 6.80 -2.60 -1.90
C GLY D 72 8.00 -1.75 -2.24
N SER D 73 8.38 -1.71 -3.51
CA SER D 73 9.46 -0.86 -3.98
C SER D 73 8.96 0.56 -4.21
N LEU D 74 9.93 1.48 -4.29
CA LEU D 74 9.65 2.87 -4.56
C LEU D 74 10.43 3.23 -5.83
N GLY D 75 10.28 4.46 -6.28
CA GLY D 75 10.98 4.92 -7.45
C GLY D 75 11.17 6.45 -7.42
N ILE D 76 12.22 6.93 -8.08
CA ILE D 76 12.49 8.35 -8.19
C ILE D 76 12.86 8.65 -9.63
N VAL D 77 12.20 9.63 -10.22
CA VAL D 77 12.48 10.06 -11.58
C VAL D 77 12.99 11.51 -11.52
N LEU D 78 14.03 11.78 -12.29
CA LEU D 78 14.69 13.08 -12.29
C LEU D 78 14.83 13.74 -13.64
N GLY D 79 14.64 15.06 -13.62
CA GLY D 79 14.83 15.88 -14.80
C GLY D 79 15.26 17.28 -14.39
N GLY D 80 15.00 18.27 -15.25
CA GLY D 80 15.34 19.65 -14.95
C GLY D 80 14.41 20.15 -13.87
N SER D 81 13.12 20.00 -14.10
CA SER D 81 12.08 20.43 -13.16
C SER D 81 11.43 19.24 -12.44
N GLY D 82 11.55 18.04 -13.01
CA GLY D 82 10.90 16.86 -12.49
C GLY D 82 9.46 16.67 -12.97
N ASN D 83 8.92 17.65 -13.70
CA ASN D 83 7.50 17.66 -14.03
C ASN D 83 7.13 16.80 -15.22
N GLY D 84 7.90 16.89 -16.29
CA GLY D 84 7.65 16.05 -17.44
C GLY D 84 7.97 14.59 -17.07
N GLU D 85 8.82 14.40 -16.06
CA GLU D 85 9.22 13.07 -15.62
C GLU D 85 8.13 12.40 -14.81
N GLN D 86 7.47 13.15 -13.92
CA GLN D 86 6.36 12.58 -13.13
C GLN D 86 5.12 12.39 -14.00
N ILE D 87 4.97 13.24 -15.02
CA ILE D 87 3.85 13.12 -15.96
C ILE D 87 3.98 11.82 -16.74
N ALA D 88 5.20 11.51 -17.18
CA ALA D 88 5.48 10.29 -17.92
C ALA D 88 5.27 9.05 -17.04
N ALA D 89 5.68 9.14 -15.78
CA ALA D 89 5.55 8.05 -14.84
C ALA D 89 4.08 7.78 -14.50
N ASN D 90 3.27 8.84 -14.54
CA ASN D 90 1.85 8.76 -14.21
C ASN D 90 1.02 8.13 -15.33
N LYS D 91 1.58 8.05 -16.53
CA LYS D 91 0.93 7.35 -17.64
C LYS D 91 1.02 5.82 -17.48
N VAL D 92 1.96 5.35 -16.67
CA VAL D 92 2.09 3.91 -16.40
C VAL D 92 0.91 3.44 -15.54
N PRO D 93 0.19 2.42 -16.01
CA PRO D 93 -0.91 1.85 -15.21
C PRO D 93 -0.48 1.41 -13.82
N GLY D 94 -1.16 1.91 -12.79
CA GLY D 94 -0.88 1.53 -11.42
C GLY D 94 0.04 2.48 -10.66
N ALA D 95 0.69 3.39 -11.38
CA ALA D 95 1.69 4.28 -10.79
C ALA D 95 1.05 5.58 -10.30
N ARG D 96 1.58 6.08 -9.20
CA ARG D 96 1.19 7.38 -8.64
C ARG D 96 2.49 8.10 -8.33
N CYS D 97 2.81 9.13 -9.11
CA CYS D 97 4.04 9.89 -8.98
C CYS D 97 3.79 11.36 -8.64
N ALA D 98 4.14 11.73 -7.42
CA ALA D 98 4.03 13.10 -6.98
C ALA D 98 5.31 13.84 -7.35
N LEU D 99 5.24 15.16 -7.34
CA LEU D 99 6.42 15.97 -7.55
C LEU D 99 6.84 16.43 -6.17
N ALA D 100 8.01 15.98 -5.73
CA ALA D 100 8.58 16.36 -4.43
C ALA D 100 9.56 17.52 -4.60
N TRP D 101 9.17 18.69 -4.08
CA TRP D 101 10.02 19.90 -4.09
C TRP D 101 10.38 20.38 -2.68
N SER D 102 10.03 19.58 -1.68
CA SER D 102 10.36 19.89 -0.28
C SER D 102 10.23 18.64 0.59
N VAL D 103 10.68 18.74 1.83
CA VAL D 103 10.57 17.64 2.78
C VAL D 103 9.10 17.36 3.08
N GLN D 104 8.28 18.41 3.10
CA GLN D 104 6.85 18.29 3.39
C GLN D 104 6.10 17.54 2.29
N THR D 105 6.33 17.90 1.03
CA THR D 105 5.62 17.30 -0.09
C THR D 105 6.10 15.88 -0.42
N ALA D 106 7.34 15.56 -0.06
CA ALA D 106 7.86 14.20 -0.20
C ALA D 106 7.19 13.29 0.82
N ALA D 107 7.02 13.80 2.04
CA ALA D 107 6.39 13.06 3.13
C ALA D 107 4.90 12.85 2.87
N LEU D 108 4.23 13.92 2.43
CA LEU D 108 2.78 13.86 2.17
C LEU D 108 2.45 12.99 0.97
N ALA D 109 3.37 12.89 0.01
CA ALA D 109 3.19 12.01 -1.15
C ALA D 109 2.99 10.58 -0.68
N ARG D 110 3.77 10.18 0.33
CA ARG D 110 3.62 8.85 0.94
C ARG D 110 2.39 8.76 1.84
N GLU D 111 2.26 9.71 2.77
CA GLU D 111 1.18 9.71 3.77
C GLU D 111 -0.22 9.72 3.17
N HIS D 112 -0.44 10.68 2.27
CA HIS D 112 -1.78 10.95 1.70
C HIS D 112 -2.02 10.20 0.39
N ASN D 113 -1.03 10.23 -0.57
CA ASN D 113 -1.24 9.71 -1.92
C ASN D 113 -0.74 8.28 -2.16
N ASN D 114 -0.07 7.75 -1.16
CA ASN D 114 0.58 6.45 -1.31
C ASN D 114 1.41 6.38 -2.61
N ALA D 115 2.06 7.48 -2.95
CA ALA D 115 2.83 7.57 -4.17
C ALA D 115 4.05 6.64 -4.08
N GLN D 116 4.15 5.73 -5.04
CA GLN D 116 5.31 4.82 -5.10
C GLN D 116 6.50 5.53 -5.72
N LEU D 117 6.25 6.64 -6.43
CA LEU D 117 7.29 7.41 -7.09
C LEU D 117 7.22 8.91 -6.81
N ILE D 118 8.38 9.58 -6.93
CA ILE D 118 8.39 11.04 -6.84
C ILE D 118 9.28 11.57 -7.96
N GLY D 119 8.94 12.74 -8.48
CA GLY D 119 9.79 13.46 -9.41
C GLY D 119 10.53 14.54 -8.65
N ILE D 120 11.80 14.75 -9.01
CA ILE D 120 12.60 15.85 -8.47
C ILE D 120 13.31 16.57 -9.61
N GLY D 121 13.36 17.91 -9.51
CA GLY D 121 14.12 18.72 -10.46
C GLY D 121 15.52 18.99 -9.94
N GLY D 122 16.53 18.50 -10.66
CA GLY D 122 17.92 18.72 -10.29
C GLY D 122 18.39 20.16 -10.44
N ARG D 123 17.72 20.93 -11.29
CA ARG D 123 18.04 22.35 -11.47
C ARG D 123 17.36 23.26 -10.43
N MET D 124 16.46 22.68 -9.64
CA MET D 124 15.66 23.44 -8.67
C MET D 124 16.22 23.44 -7.25
N HIS D 125 17.04 22.41 -6.91
CA HIS D 125 17.58 22.31 -5.57
C HIS D 125 19.09 22.13 -5.47
N THR D 126 19.63 22.37 -4.29
CA THR D 126 21.02 22.11 -4.00
C THR D 126 21.05 20.62 -3.70
N VAL D 127 22.25 20.04 -3.64
CA VAL D 127 22.40 18.61 -3.41
C VAL D 127 21.87 18.23 -2.02
N ALA D 128 22.13 19.08 -1.02
CA ALA D 128 21.67 18.83 0.34
C ALA D 128 20.14 18.84 0.45
N GLU D 129 19.49 19.77 -0.23
CA GLU D 129 18.03 19.89 -0.24
C GLU D 129 17.38 18.69 -0.94
N ALA D 130 18.02 18.19 -1.99
CA ALA D 130 17.50 17.06 -2.77
C ALA D 130 17.61 15.76 -1.99
N LEU D 131 18.70 15.60 -1.24
CA LEU D 131 18.92 14.40 -0.43
C LEU D 131 18.00 14.39 0.80
N ALA D 132 17.59 15.57 1.26
CA ALA D 132 16.62 15.69 2.34
C ALA D 132 15.21 15.30 1.86
N ILE D 133 14.92 15.61 0.59
CA ILE D 133 13.66 15.20 -0.03
C ILE D 133 13.61 13.67 -0.18
N VAL D 134 14.76 13.07 -0.51
CA VAL D 134 14.86 11.63 -0.71
C VAL D 134 14.71 10.87 0.61
N ASP D 135 15.30 11.39 1.68
CA ASP D 135 15.23 10.77 3.00
C ASP D 135 13.79 10.72 3.50
N ALA D 136 13.06 11.81 3.31
CA ALA D 136 11.66 11.89 3.72
C ALA D 136 10.79 10.94 2.91
N PHE D 137 11.11 10.78 1.63
CA PHE D 137 10.35 9.92 0.73
C PHE D 137 10.46 8.44 1.09
N VAL D 138 11.68 7.99 1.37
CA VAL D 138 11.94 6.57 1.63
C VAL D 138 11.68 6.12 3.07
N THR D 139 11.42 7.06 3.99
CA THR D 139 11.16 6.73 5.39
C THR D 139 9.71 6.96 5.81
N THR D 140 9.02 7.89 5.15
CA THR D 140 7.65 8.25 5.51
C THR D 140 6.68 7.14 5.12
N PRO D 141 5.93 6.61 6.10
CA PRO D 141 5.00 5.52 5.83
C PRO D 141 3.67 5.97 5.21
N TRP D 142 3.06 5.05 4.48
CA TRP D 142 1.70 5.20 3.95
C TRP D 142 0.73 5.10 5.14
N SER D 143 -0.09 6.14 5.33
CA SER D 143 -0.96 6.25 6.48
C SER D 143 -2.08 5.21 6.54
N LYS D 144 -2.61 4.84 5.37
CA LYS D 144 -3.70 3.86 5.26
C LYS D 144 -5.04 4.39 5.79
N ALA D 145 -5.16 5.70 5.93
CA ALA D 145 -6.40 6.33 6.40
C ALA D 145 -7.49 6.10 5.37
N GLN D 146 -8.71 5.95 5.85
CA GLN D 146 -9.87 5.63 5.02
C GLN D 146 -10.13 6.56 3.83
N ARG D 147 -10.08 7.86 4.08
CA ARG D 147 -10.38 8.84 3.03
C ARG D 147 -9.32 8.82 1.92
N HIS D 148 -8.07 8.59 2.30
CA HIS D 148 -6.96 8.54 1.35
C HIS D 148 -7.05 7.30 0.45
N GLN D 149 -7.37 6.17 1.06
CA GLN D 149 -7.54 4.91 0.30
C GLN D 149 -8.78 5.01 -0.58
N ARG D 150 -9.81 5.72 -0.12
CA ARG D 150 -11.04 5.89 -0.88
C ARG D 150 -10.76 6.68 -2.17
N ARG D 151 -9.95 7.72 -2.07
CA ARG D 151 -9.60 8.56 -3.21
C ARG D 151 -8.66 7.84 -4.18
N ILE D 152 -7.81 6.97 -3.65
CA ILE D 152 -6.94 6.13 -4.46
C ILE D 152 -7.76 5.09 -5.22
N ASP D 153 -8.81 4.59 -4.59
CA ASP D 153 -9.68 3.58 -5.20
C ASP D 153 -10.52 4.18 -6.32
N ILE D 154 -10.96 5.43 -6.15
CA ILE D 154 -11.73 6.13 -7.17
C ILE D 154 -10.85 6.37 -8.40
N LEU D 155 -9.60 6.73 -8.17
CA LEU D 155 -8.66 7.01 -9.23
C LEU D 155 -8.26 5.73 -9.99
N ALA D 156 -8.07 4.64 -9.26
CA ALA D 156 -7.71 3.36 -9.85
C ALA D 156 -8.86 2.81 -10.71
N GLU D 157 -10.09 3.09 -10.29
CA GLU D 157 -11.28 2.68 -11.03
C GLU D 157 -11.42 3.47 -12.33
N TYR D 158 -11.05 4.76 -12.30
CA TYR D 158 -11.03 5.55 -13.52
C TYR D 158 -9.94 5.04 -14.46
N GLU D 159 -8.81 4.62 -13.91
CA GLU D 159 -7.71 4.09 -14.72
C GLU D 159 -8.10 2.77 -15.38
N ARG D 160 -9.01 2.03 -14.76
CA ARG D 160 -9.47 0.74 -15.25
C ARG D 160 -10.41 0.85 -16.46
N THR D 161 -11.36 1.78 -16.40
CA THR D 161 -12.41 1.91 -17.42
C THR D 161 -12.31 3.19 -18.25
N HIS D 162 -11.57 4.17 -17.75
CA HIS D 162 -11.49 5.52 -18.32
C HIS D 162 -12.86 6.17 -18.51
N GLU D 163 -13.79 5.82 -17.62
CA GLU D 163 -15.11 6.43 -17.54
C GLU D 163 -15.07 7.39 -16.35
N ALA D 164 -15.14 8.69 -16.64
CA ALA D 164 -14.99 9.71 -15.62
C ALA D 164 -16.11 9.61 -14.58
N PRO D 165 -15.76 9.57 -13.29
CA PRO D 165 -16.77 9.49 -12.23
C PRO D 165 -17.49 10.82 -12.07
N PRO D 166 -18.79 10.81 -11.77
CA PRO D 166 -19.56 12.04 -11.68
C PRO D 166 -19.19 12.87 -10.46
N VAL D 167 -19.22 14.19 -10.59
CA VAL D 167 -19.02 15.08 -9.45
C VAL D 167 -20.30 15.08 -8.61
N PRO D 168 -20.18 15.35 -7.30
CA PRO D 168 -21.36 15.41 -6.41
C PRO D 168 -22.45 16.38 -6.89
N GLY E 13 12.16 3.53 40.08
CA GLY E 13 11.31 3.24 38.89
C GLY E 13 9.89 3.77 39.06
N MET E 14 9.33 4.30 37.96
CA MET E 14 8.00 4.90 37.96
C MET E 14 7.04 4.07 37.12
N ARG E 15 5.85 3.82 37.66
CA ARG E 15 4.77 3.20 36.89
C ARG E 15 4.16 4.26 35.97
N VAL E 16 4.06 3.98 34.68
CA VAL E 16 3.58 4.95 33.68
C VAL E 16 2.50 4.34 32.78
N TYR E 17 1.29 4.89 32.83
CA TYR E 17 0.19 4.47 31.97
C TYR E 17 0.20 5.24 30.65
N LEU E 18 0.38 4.53 29.54
CA LEU E 18 0.48 5.16 28.22
C LEU E 18 -0.77 4.92 27.34
N GLY E 19 -1.23 6.00 26.71
CA GLY E 19 -2.36 5.92 25.81
C GLY E 19 -1.99 6.65 24.53
N ALA E 20 -2.52 6.20 23.39
CA ALA E 20 -2.22 6.82 22.11
C ALA E 20 -3.13 6.37 20.98
N ASP E 21 -3.35 7.26 20.00
CA ASP E 21 -4.08 6.87 18.80
C ASP E 21 -3.04 6.49 17.74
N HIS E 22 -3.48 6.32 16.51
CA HIS E 22 -2.61 5.90 15.40
C HIS E 22 -1.44 6.84 15.13
N ALA E 23 -1.66 8.14 15.31
CA ALA E 23 -0.64 9.15 15.01
C ALA E 23 0.53 9.12 16.00
N GLY E 24 0.25 8.67 17.22
CA GLY E 24 1.28 8.50 18.23
C GLY E 24 1.54 7.06 18.61
N TYR E 25 1.09 6.11 17.77
CA TYR E 25 1.20 4.68 18.08
C TYR E 25 2.64 4.20 18.02
N GLU E 26 3.34 4.48 16.92
CA GLU E 26 4.71 4.03 16.74
C GLU E 26 5.65 4.62 17.80
N LEU E 27 5.43 5.89 18.15
CA LEU E 27 6.23 6.55 19.17
C LEU E 27 5.96 5.96 20.55
N LYS E 28 4.72 5.54 20.80
CA LYS E 28 4.34 4.92 22.07
C LYS E 28 5.06 3.60 22.29
N GLN E 29 5.23 2.81 21.22
CA GLN E 29 5.91 1.52 21.31
C GLN E 29 7.40 1.72 21.61
N ARG E 30 7.98 2.79 21.06
CA ARG E 30 9.37 3.13 21.31
C ARG E 30 9.60 3.66 22.72
N ILE E 31 8.58 4.33 23.27
CA ILE E 31 8.64 4.84 24.64
C ILE E 31 8.42 3.71 25.65
N ILE E 32 7.64 2.69 25.26
CA ILE E 32 7.41 1.53 26.11
C ILE E 32 8.71 0.74 26.25
N GLU E 33 9.44 0.60 25.13
CA GLU E 33 10.72 -0.11 25.13
C GLU E 33 11.80 0.68 25.88
N HIS E 34 11.78 2.01 25.73
CA HIS E 34 12.77 2.89 26.36
C HIS E 34 12.58 2.94 27.87
N LEU E 35 11.32 2.91 28.32
CA LEU E 35 11.00 2.96 29.74
C LEU E 35 11.39 1.64 30.43
N LYS E 36 11.24 0.54 29.72
CA LYS E 36 11.63 -0.78 30.26
C LYS E 36 13.14 -0.83 30.48
N GLN E 37 13.89 -0.28 29.54
CA GLN E 37 15.36 -0.30 29.59
C GLN E 37 15.92 0.61 30.68
N THR E 38 15.16 1.62 31.10
CA THR E 38 15.62 2.58 32.11
C THR E 38 14.98 2.38 33.48
N GLY E 39 14.51 1.16 33.75
CA GLY E 39 14.07 0.77 35.09
C GLY E 39 12.65 1.13 35.48
N HIS E 40 11.85 1.60 34.52
CA HIS E 40 10.45 1.96 34.75
C HIS E 40 9.50 0.82 34.37
N GLU E 41 8.21 1.01 34.65
CA GLU E 41 7.18 -0.01 34.39
C GLU E 41 6.03 0.55 33.56
N PRO E 42 6.18 0.56 32.23
CA PRO E 42 5.11 1.04 31.35
C PRO E 42 3.92 0.08 31.25
N ILE E 43 2.71 0.64 31.20
CA ILE E 43 1.48 -0.14 31.09
C ILE E 43 0.66 0.39 29.93
N ASP E 44 0.48 -0.43 28.90
CA ASP E 44 -0.17 -0.02 27.67
C ASP E 44 -1.70 -0.06 27.79
N CYS E 45 -2.33 1.11 27.73
CA CYS E 45 -3.79 1.23 27.74
C CYS E 45 -4.41 1.14 26.33
N GLY E 46 -3.56 1.13 25.31
CA GLY E 46 -4.00 1.09 23.92
C GLY E 46 -3.63 2.39 23.21
N ALA E 47 -3.62 2.41 21.88
CA ALA E 47 -4.05 1.30 21.03
C ALA E 47 -2.97 0.22 20.96
N LEU E 48 -3.41 -1.03 20.93
CA LEU E 48 -2.50 -2.17 20.92
C LEU E 48 -1.96 -2.49 19.52
N ARG E 49 -2.64 -1.97 18.49
CA ARG E 49 -2.12 -2.04 17.12
C ARG E 49 -2.47 -0.80 16.30
N TYR E 50 -1.80 -0.65 15.16
CA TYR E 50 -2.03 0.49 14.28
C TYR E 50 -3.36 0.38 13.56
N ASP E 51 -4.23 1.35 13.83
CA ASP E 51 -5.55 1.46 13.20
C ASP E 51 -5.61 2.93 12.77
N ALA E 52 -5.41 3.17 11.47
CA ALA E 52 -5.33 4.49 10.90
C ALA E 52 -6.51 5.42 11.11
N ASP E 53 -7.68 4.86 11.40
CA ASP E 53 -8.92 5.63 11.55
C ASP E 53 -9.39 5.79 13.01
N ASP E 54 -8.71 5.18 13.95
CA ASP E 54 -9.14 5.19 15.36
C ASP E 54 -9.15 6.57 15.98
N ASP E 55 -9.89 6.66 17.10
CA ASP E 55 -10.16 7.91 17.83
C ASP E 55 -9.40 8.02 19.14
N TYR E 56 -8.73 9.16 19.35
CA TYR E 56 -7.87 9.36 20.51
C TYR E 56 -8.57 9.41 21.89
N PRO E 57 -9.76 9.99 22.00
CA PRO E 57 -10.35 10.25 23.33
C PRO E 57 -10.39 9.04 24.28
N ALA E 58 -10.74 7.87 23.78
CA ALA E 58 -10.91 6.68 24.63
C ALA E 58 -9.61 6.22 25.27
N PHE E 59 -8.52 6.25 24.50
CA PHE E 59 -7.20 5.84 24.99
C PHE E 59 -6.62 6.84 26.00
N CYS E 60 -6.96 8.12 25.83
CA CYS E 60 -6.42 9.18 26.67
C CYS E 60 -7.18 9.30 27.99
N ILE E 61 -8.48 9.05 27.95
CA ILE E 61 -9.32 9.03 29.14
C ILE E 61 -8.95 7.82 30.00
N ALA E 62 -8.62 6.71 29.35
CA ALA E 62 -8.21 5.49 30.05
C ALA E 62 -6.90 5.69 30.80
N ALA E 63 -5.90 6.22 30.11
CA ALA E 63 -4.58 6.47 30.70
C ALA E 63 -4.66 7.48 31.86
N ALA E 64 -5.46 8.53 31.68
CA ALA E 64 -5.61 9.58 32.69
C ALA E 64 -6.39 9.09 33.91
N THR E 65 -7.38 8.24 33.69
CA THR E 65 -8.23 7.71 34.76
C THR E 65 -7.44 6.75 35.65
N ARG E 66 -6.62 5.90 35.04
CA ARG E 66 -5.85 4.91 35.77
C ARG E 66 -4.66 5.54 36.52
N THR E 67 -4.18 6.67 36.00
CA THR E 67 -3.09 7.41 36.64
C THR E 67 -3.55 8.06 37.94
N VAL E 68 -4.74 8.65 37.92
CA VAL E 68 -5.30 9.33 39.09
C VAL E 68 -5.75 8.34 40.16
N ALA E 69 -6.26 7.19 39.73
CA ALA E 69 -6.73 6.14 40.65
C ALA E 69 -5.57 5.31 41.22
N ASP E 70 -4.35 5.62 40.79
CA ASP E 70 -3.15 4.94 41.26
C ASP E 70 -2.10 6.00 41.63
N PRO E 71 -2.27 6.64 42.80
CA PRO E 71 -1.38 7.73 43.23
C PRO E 71 0.10 7.33 43.27
N GLY E 72 0.98 8.22 42.81
CA GLY E 72 2.39 7.94 42.69
C GLY E 72 2.82 7.64 41.27
N SER E 73 1.89 7.16 40.45
CA SER E 73 2.16 6.84 39.05
C SER E 73 2.04 8.07 38.16
N LEU E 74 2.61 7.97 36.97
CA LEU E 74 2.51 9.01 35.95
C LEU E 74 1.82 8.44 34.71
N GLY E 75 1.69 9.27 33.67
CA GLY E 75 1.05 8.87 32.44
C GLY E 75 1.51 9.71 31.25
N ILE E 76 1.51 9.10 30.07
CA ILE E 76 1.87 9.80 28.83
C ILE E 76 0.86 9.47 27.74
N VAL E 77 0.27 10.51 27.15
CA VAL E 77 -0.67 10.34 26.04
C VAL E 77 -0.04 10.88 24.76
N LEU E 78 -0.14 10.11 23.67
CA LEU E 78 0.48 10.46 22.41
C LEU E 78 -0.51 10.58 21.25
N GLY E 79 -0.27 11.58 20.39
CA GLY E 79 -1.06 11.80 19.21
C GLY E 79 -0.15 12.40 18.15
N GLY E 80 -0.73 13.18 17.23
CA GLY E 80 0.03 13.86 16.21
C GLY E 80 0.68 15.11 16.76
N SER E 81 -0.13 15.94 17.41
CA SER E 81 0.32 17.16 18.08
C SER E 81 0.36 16.99 19.60
N GLY E 82 -0.46 16.07 20.12
CA GLY E 82 -0.56 15.85 21.55
C GLY E 82 -1.60 16.72 22.23
N ASN E 83 -2.21 17.63 21.48
CA ASN E 83 -3.12 18.62 22.05
C ASN E 83 -4.54 18.10 22.31
N GLY E 84 -5.07 17.34 21.36
CA GLY E 84 -6.37 16.80 21.57
C GLY E 84 -6.30 15.71 22.64
N GLU E 85 -5.11 15.13 22.79
CA GLU E 85 -4.87 14.05 23.75
C GLU E 85 -4.78 14.55 25.19
N GLN E 86 -4.14 15.71 25.37
CA GLN E 86 -4.05 16.32 26.71
C GLN E 86 -5.38 16.94 27.10
N ILE E 87 -6.10 17.49 26.11
CA ILE E 87 -7.42 18.07 26.35
C ILE E 87 -8.38 16.99 26.88
N ALA E 88 -8.29 15.79 26.31
CA ALA E 88 -9.14 14.67 26.72
C ALA E 88 -8.76 14.18 28.12
N ALA E 89 -7.47 14.11 28.39
CA ALA E 89 -6.96 13.68 29.70
C ALA E 89 -7.35 14.68 30.80
N ASN E 90 -7.46 15.94 30.43
CA ASN E 90 -7.79 17.01 31.39
C ASN E 90 -9.26 17.03 31.78
N LYS E 91 -10.11 16.38 30.98
CA LYS E 91 -11.52 16.23 31.33
C LYS E 91 -11.73 15.20 32.46
N VAL E 92 -10.76 14.33 32.67
CA VAL E 92 -10.81 13.34 33.76
C VAL E 92 -10.63 14.04 35.10
N PRO E 93 -11.58 13.88 36.02
CA PRO E 93 -11.46 14.44 37.37
C PRO E 93 -10.14 14.09 38.07
N GLY E 94 -9.49 15.09 38.65
CA GLY E 94 -8.25 14.90 39.39
C GLY E 94 -6.98 14.94 38.53
N ALA E 95 -7.14 14.95 37.21
CA ALA E 95 -6.00 14.84 36.30
C ALA E 95 -5.50 16.21 35.86
N ARG E 96 -4.19 16.29 35.69
CA ARG E 96 -3.51 17.49 35.21
C ARG E 96 -2.52 17.04 34.14
N CYS E 97 -2.84 17.37 32.87
CA CYS E 97 -2.01 16.95 31.75
C CYS E 97 -1.46 18.15 30.97
N ALA E 98 -0.14 18.33 31.03
CA ALA E 98 0.51 19.39 30.30
C ALA E 98 0.91 18.88 28.92
N LEU E 99 1.21 19.79 27.99
CA LEU E 99 1.75 19.40 26.69
C LEU E 99 3.25 19.64 26.79
N ALA E 100 4.01 18.56 26.72
CA ALA E 100 5.47 18.62 26.73
C ALA E 100 6.01 18.61 25.30
N TRP E 101 6.62 19.73 24.90
CA TRP E 101 7.27 19.86 23.59
C TRP E 101 8.78 20.13 23.72
N SER E 102 9.31 19.99 24.92
CA SER E 102 10.74 20.19 25.16
C SER E 102 11.14 19.62 26.52
N VAL E 103 12.44 19.59 26.78
CA VAL E 103 12.96 19.14 28.07
C VAL E 103 12.52 20.08 29.18
N GLN E 104 12.42 21.38 28.86
CA GLN E 104 12.07 22.41 29.83
C GLN E 104 10.61 22.31 30.27
N THR E 105 9.69 22.19 29.32
CA THR E 105 8.27 22.14 29.63
C THR E 105 7.84 20.82 30.26
N ALA E 106 8.59 19.76 30.00
CA ALA E 106 8.34 18.46 30.63
C ALA E 106 8.73 18.51 32.11
N ALA E 107 9.88 19.12 32.37
CA ALA E 107 10.38 19.28 33.74
C ALA E 107 9.50 20.24 34.54
N LEU E 108 9.11 21.35 33.92
CA LEU E 108 8.26 22.35 34.55
C LEU E 108 6.86 21.80 34.85
N ALA E 109 6.39 20.88 34.02
CA ALA E 109 5.08 20.27 34.24
C ALA E 109 5.04 19.57 35.60
N ARG E 110 6.15 18.91 35.95
CA ARG E 110 6.29 18.25 37.25
C ARG E 110 6.55 19.25 38.38
N GLU E 111 7.51 20.15 38.18
CA GLU E 111 7.94 21.10 39.21
C GLU E 111 6.82 22.04 39.66
N HIS E 112 6.20 22.69 38.68
CA HIS E 112 5.22 23.75 38.92
C HIS E 112 3.78 23.23 39.01
N ASN E 113 3.39 22.41 38.04
CA ASN E 113 1.98 22.00 37.92
C ASN E 113 1.64 20.66 38.56
N ASN E 114 2.67 19.91 38.99
CA ASN E 114 2.46 18.56 39.54
C ASN E 114 1.64 17.69 38.58
N ALA E 115 1.90 17.88 37.27
CA ALA E 115 1.17 17.14 36.25
C ALA E 115 1.50 15.65 36.30
N GLN E 116 0.48 14.81 36.53
CA GLN E 116 0.66 13.37 36.56
C GLN E 116 0.81 12.86 35.13
N LEU E 117 0.34 13.62 34.15
CA LEU E 117 0.44 13.24 32.74
C LEU E 117 0.99 14.34 31.84
N ILE E 118 1.47 13.94 30.67
CA ILE E 118 1.94 14.88 29.63
C ILE E 118 1.48 14.33 28.29
N GLY E 119 1.26 15.25 27.35
CA GLY E 119 0.96 14.90 25.98
C GLY E 119 2.15 15.21 25.10
N ILE E 120 2.44 14.33 24.15
CA ILE E 120 3.51 14.53 23.17
C ILE E 120 3.00 14.30 21.76
N GLY E 121 3.35 15.19 20.84
CA GLY E 121 3.07 14.99 19.43
C GLY E 121 4.21 14.26 18.76
N GLY E 122 3.92 13.09 18.17
CA GLY E 122 4.91 12.29 17.48
C GLY E 122 5.35 12.86 16.14
N ARG E 123 4.53 13.74 15.58
CA ARG E 123 4.86 14.39 14.30
C ARG E 123 5.72 15.64 14.51
N MET E 124 5.81 16.11 15.76
CA MET E 124 6.54 17.35 16.09
C MET E 124 8.01 17.12 16.41
N HIS E 125 8.35 15.91 16.86
CA HIS E 125 9.74 15.64 17.23
C HIS E 125 10.35 14.43 16.55
N THR E 126 11.67 14.30 16.70
CA THR E 126 12.38 13.10 16.21
C THR E 126 12.24 12.11 17.36
N VAL E 127 12.72 10.89 17.15
CA VAL E 127 12.61 9.85 18.18
C VAL E 127 13.50 10.19 19.39
N ALA E 128 14.69 10.72 19.12
CA ALA E 128 15.64 11.08 20.18
C ALA E 128 15.14 12.25 21.04
N GLU E 129 14.57 13.26 20.38
CA GLU E 129 14.04 14.44 21.08
C GLU E 129 12.84 14.07 21.95
N ALA E 130 12.06 13.08 21.52
CA ALA E 130 10.88 12.64 22.24
C ALA E 130 11.23 11.86 23.51
N LEU E 131 12.26 11.03 23.43
CA LEU E 131 12.71 10.23 24.58
C LEU E 131 13.40 11.08 25.63
N ALA E 132 14.01 12.19 25.21
CA ALA E 132 14.59 13.16 26.14
C ALA E 132 13.50 13.89 26.92
N ILE E 133 12.36 14.11 26.27
CA ILE E 133 11.19 14.70 26.93
C ILE E 133 10.63 13.72 27.97
N VAL E 134 10.61 12.44 27.62
CA VAL E 134 10.12 11.39 28.52
C VAL E 134 11.02 11.28 29.75
N ASP E 135 12.34 11.37 29.55
CA ASP E 135 13.30 11.25 30.62
C ASP E 135 13.11 12.36 31.65
N ALA E 136 12.95 13.60 31.17
CA ALA E 136 12.75 14.75 32.03
C ALA E 136 11.42 14.67 32.80
N PHE E 137 10.42 14.06 32.19
CA PHE E 137 9.10 13.94 32.79
C PHE E 137 9.10 12.97 33.98
N VAL E 138 9.79 11.85 33.83
CA VAL E 138 9.77 10.78 34.83
C VAL E 138 10.83 10.92 35.94
N THR E 139 11.82 11.78 35.73
CA THR E 139 12.90 11.99 36.71
C THR E 139 12.78 13.31 37.50
N THR E 140 12.09 14.29 36.93
CA THR E 140 11.95 15.59 37.58
C THR E 140 10.96 15.50 38.73
N PRO E 141 11.39 15.86 39.95
CA PRO E 141 10.50 15.82 41.11
C PRO E 141 9.47 16.95 41.15
N TRP E 142 8.40 16.73 41.91
CA TRP E 142 7.38 17.72 42.17
C TRP E 142 7.94 18.60 43.30
N SER E 143 8.02 19.91 43.06
CA SER E 143 8.66 20.83 43.98
C SER E 143 8.02 20.96 45.36
N LYS E 144 6.68 20.83 45.42
CA LYS E 144 5.92 20.98 46.68
C LYS E 144 5.93 22.42 47.20
N ALA E 145 6.23 23.38 46.32
CA ALA E 145 6.28 24.79 46.70
C ALA E 145 4.87 25.27 47.08
N GLN E 146 4.83 26.17 48.05
CA GLN E 146 3.58 26.69 48.59
C GLN E 146 2.62 27.28 47.56
N ARG E 147 3.13 28.17 46.72
CA ARG E 147 2.32 28.85 45.73
C ARG E 147 1.81 27.89 44.65
N HIS E 148 2.61 26.88 44.32
CA HIS E 148 2.24 25.88 43.32
C HIS E 148 1.10 24.99 43.83
N GLN E 149 1.19 24.57 45.09
CA GLN E 149 0.14 23.77 45.71
C GLN E 149 -1.14 24.59 45.88
N ARG E 150 -1.00 25.88 46.15
CA ARG E 150 -2.13 26.78 46.30
C ARG E 150 -2.95 26.85 45.03
N ARG E 151 -2.27 26.92 43.88
CA ARG E 151 -2.93 27.03 42.58
C ARG E 151 -3.58 25.72 42.16
N ILE E 152 -2.91 24.60 42.46
CA ILE E 152 -3.45 23.27 42.18
C ILE E 152 -4.71 23.02 43.00
N ASP E 153 -4.74 23.53 44.23
CA ASP E 153 -5.88 23.36 45.12
C ASP E 153 -7.08 24.19 44.67
N ILE E 154 -6.82 25.38 44.12
CA ILE E 154 -7.89 26.24 43.62
C ILE E 154 -8.56 25.57 42.43
N LEU E 155 -7.76 24.94 41.58
CA LEU E 155 -8.28 24.24 40.40
C LEU E 155 -9.07 23.00 40.78
N ALA E 156 -8.59 22.26 41.79
CA ALA E 156 -9.26 21.06 42.27
C ALA E 156 -10.61 21.39 42.92
N GLU E 157 -10.69 22.58 43.51
CA GLU E 157 -11.91 23.07 44.13
C GLU E 157 -12.93 23.48 43.06
N TYR E 158 -12.43 24.00 41.94
CA TYR E 158 -13.29 24.34 40.81
C TYR E 158 -13.85 23.09 40.15
N GLU E 159 -13.07 22.00 40.14
CA GLU E 159 -13.54 20.75 39.56
C GLU E 159 -14.66 20.13 40.37
N ARG E 160 -14.60 20.31 41.68
CA ARG E 160 -15.59 19.75 42.60
C ARG E 160 -16.95 20.45 42.50
N THR E 161 -16.93 21.78 42.38
CA THR E 161 -18.14 22.60 42.45
C THR E 161 -18.58 23.22 41.13
N HIS E 162 -17.64 23.32 40.18
CA HIS E 162 -17.85 24.04 38.91
C HIS E 162 -18.32 25.49 39.10
N GLU E 163 -17.85 26.10 40.19
CA GLU E 163 -18.15 27.49 40.51
C GLU E 163 -16.88 28.32 40.36
N ALA E 164 -16.85 29.15 39.32
CA ALA E 164 -15.66 29.95 39.00
C ALA E 164 -15.26 30.82 40.19
N PRO E 165 -13.98 30.77 40.58
CA PRO E 165 -13.50 31.59 41.69
C PRO E 165 -13.43 33.06 41.29
N PRO E 166 -13.44 33.97 42.26
CA PRO E 166 -13.46 35.41 41.98
C PRO E 166 -12.17 35.86 41.31
N VAL E 167 -12.29 36.77 40.33
CA VAL E 167 -11.14 37.27 39.59
C VAL E 167 -10.56 38.48 40.32
N PRO E 168 -9.32 38.37 40.80
CA PRO E 168 -8.67 39.49 41.49
C PRO E 168 -8.65 40.78 40.65
N GLY E 169 -9.17 41.87 41.22
CA GLY E 169 -9.17 43.16 40.56
C GLY E 169 -10.13 43.27 39.40
N ALA E 170 -11.26 42.55 39.48
CA ALA E 170 -12.25 42.56 38.39
C ALA E 170 -13.12 43.82 38.45
#